data_8B7F
#
_entry.id   8B7F
#
_cell.length_a   78.086
_cell.length_b   126.776
_cell.length_c   150.111
_cell.angle_alpha   90.000
_cell.angle_beta   90.000
_cell.angle_gamma   90.000
#
_symmetry.space_group_name_H-M   'P 21 21 21'
#
_entity_poly.entity_id   1
_entity_poly.type   'polypeptide(L)'
_entity_poly.pdbx_seq_one_letter_code
;MGHHHHHHGSDSEVNQEAKPEVKPEVKPETHINLKVSDGSSEIFFKIKKTTPLRRLMEAFAKRQGKEMDSLRFLYDGIRI
QADQAPEDLDMEDNDIIEAHREQIGGMPLFIDDALHRSKKYFHAHLSELLLGEFAGLSLPLHPPTAAKAAADIDATREFI
RQWEGRDDVEYAIRNWSPVGLGKTEVPVRLTLNTTEELVVFAQVEDEWSSLHERFSQLSGFTAEVVAKHVSLWRSLSNDD
LSKAVLVVDWFLKHPNSGLLKRAVAVEGVHTKWLENHRVLIETLVADKRGEPGRADLGLGDAEARVRLRFHSVDAPAGLT
DIEVPLSNLCELQEPQVILMVENLDSFLALPTWPGVTIAWGAGYRAVDIVRGPYFSNGRLLYWGDLDLDGFKILDGVRSH
VPHTESVLMNSETVSRWRYLGVADREFKAESFDNLHDFESDALDLLITDGELRIEQERIRLDVAVEEIEKVIRG
;
_entity_poly.pdbx_strand_id   A,B
#
# COMPACT_ATOMS: atom_id res chain seq x y z
N MET A 107 -3.56 28.19 -52.17
CA MET A 107 -3.77 29.40 -51.39
C MET A 107 -2.46 30.14 -51.12
N PRO A 108 -2.52 31.47 -51.13
CA PRO A 108 -1.36 32.28 -50.73
C PRO A 108 -0.84 31.92 -49.34
N LEU A 109 0.47 31.73 -49.25
CA LEU A 109 1.17 31.46 -47.99
C LEU A 109 1.69 32.76 -47.41
N PHE A 110 1.02 33.26 -46.37
CA PHE A 110 1.50 34.47 -45.69
C PHE A 110 2.76 34.19 -44.88
N ILE A 111 3.45 35.27 -44.50
CA ILE A 111 4.72 35.17 -43.81
C ILE A 111 4.58 34.42 -42.49
N ASP A 112 3.48 34.64 -41.77
CA ASP A 112 3.28 33.92 -40.50
C ASP A 112 3.15 32.42 -40.72
N ASP A 113 2.47 32.03 -41.80
CA ASP A 113 2.33 30.61 -42.12
C ASP A 113 3.67 30.00 -42.50
N ALA A 114 4.49 30.73 -43.26
CA ALA A 114 5.81 30.23 -43.60
C ALA A 114 6.68 30.10 -42.35
N LEU A 115 6.64 31.09 -41.48
CA LEU A 115 7.34 31.01 -40.19
C LEU A 115 6.95 29.75 -39.43
N HIS A 116 5.64 29.51 -39.31
CA HIS A 116 5.14 28.31 -38.63
C HIS A 116 5.63 27.04 -39.27
N ARG A 117 5.54 26.94 -40.61
CA ARG A 117 6.01 25.74 -41.29
C ARG A 117 7.50 25.55 -41.11
N SER A 118 8.27 26.64 -41.17
CA SER A 118 9.72 26.55 -41.02
C SER A 118 10.10 26.04 -39.64
N LYS A 119 9.43 26.56 -38.59
CA LYS A 119 9.69 26.07 -37.24
C LYS A 119 9.26 24.61 -37.06
N LYS A 120 8.12 24.24 -37.65
CA LYS A 120 7.65 22.86 -37.60
C LYS A 120 8.64 21.91 -38.27
N TYR A 121 9.15 22.30 -39.43
CA TYR A 121 10.17 21.52 -40.14
C TYR A 121 11.45 21.44 -39.31
N PHE A 122 11.91 22.58 -38.78
CA PHE A 122 13.08 22.59 -37.90
C PHE A 122 12.96 21.58 -36.77
N HIS A 123 11.82 21.57 -36.07
CA HIS A 123 11.60 20.59 -35.02
C HIS A 123 11.51 19.18 -35.56
N ALA A 124 11.06 19.01 -36.80
CA ALA A 124 10.96 17.68 -37.35
C ALA A 124 12.30 17.11 -37.78
N HIS A 125 13.30 17.96 -38.11
CA HIS A 125 14.53 17.37 -38.60
C HIS A 125 15.72 17.70 -37.70
N LEU A 126 15.47 17.88 -36.40
CA LEU A 126 16.52 18.29 -35.46
C LEU A 126 17.77 17.40 -35.56
N SER A 127 17.58 16.10 -35.83
CA SER A 127 18.70 15.18 -35.95
C SER A 127 19.62 15.55 -37.11
N GLU A 128 19.05 15.73 -38.30
CA GLU A 128 19.84 16.04 -39.49
C GLU A 128 20.59 17.36 -39.38
N LEU A 129 19.94 18.39 -38.86
CA LEU A 129 20.62 19.69 -38.73
C LEU A 129 21.86 19.59 -37.86
N LEU A 130 21.77 18.88 -36.74
CA LEU A 130 22.94 18.73 -35.88
C LEU A 130 24.06 17.98 -36.58
N LEU A 131 23.71 17.13 -37.54
CA LEU A 131 24.66 16.42 -38.37
C LEU A 131 25.13 17.22 -39.57
N GLY A 132 24.60 18.43 -39.76
CA GLY A 132 24.92 19.18 -40.96
C GLY A 132 24.27 18.64 -42.21
N GLU A 133 23.28 17.77 -42.06
CA GLU A 133 22.58 17.16 -43.19
C GLU A 133 21.28 17.92 -43.46
N PHE A 134 21.44 19.17 -43.86
CA PHE A 134 20.32 20.02 -44.25
C PHE A 134 20.23 20.02 -45.78
N ALA A 135 19.15 19.45 -46.31
CA ALA A 135 18.91 19.41 -47.74
C ALA A 135 18.35 20.71 -48.30
N GLY A 136 18.08 21.70 -47.46
CA GLY A 136 17.37 22.88 -47.93
C GLY A 136 15.86 22.73 -47.81
N LEU A 137 15.18 23.87 -47.66
CA LEU A 137 13.73 23.90 -47.64
C LEU A 137 13.23 24.85 -48.72
N SER A 138 12.34 24.35 -49.58
CA SER A 138 11.69 25.15 -50.63
C SER A 138 10.18 25.13 -50.45
N LEU A 139 9.60 26.31 -50.21
CA LEU A 139 8.15 26.46 -50.07
C LEU A 139 7.60 27.34 -51.18
N PRO A 140 6.76 26.80 -52.06
CA PRO A 140 6.03 27.64 -53.04
C PRO A 140 4.98 28.50 -52.36
N LEU A 141 4.98 29.80 -52.69
CA LEU A 141 4.08 30.76 -52.07
C LEU A 141 2.73 30.90 -52.79
N HIS A 142 2.54 30.26 -53.94
CA HIS A 142 1.26 30.22 -54.63
C HIS A 142 0.60 31.58 -54.85
N PRO A 143 1.27 32.50 -55.55
CA PRO A 143 0.71 33.86 -55.74
C PRO A 143 -0.70 33.81 -56.31
N PRO A 144 -1.55 34.74 -55.89
CA PRO A 144 -2.94 34.78 -56.39
C PRO A 144 -3.05 34.78 -57.91
N THR A 145 -4.09 34.12 -58.40
CA THR A 145 -4.51 34.30 -59.78
C THR A 145 -5.10 35.69 -59.97
N ALA A 146 -5.16 36.12 -61.23
CA ALA A 146 -5.72 37.43 -61.56
C ALA A 146 -7.09 37.64 -60.93
N ALA A 147 -7.95 36.60 -61.00
CA ALA A 147 -9.29 36.74 -60.43
C ALA A 147 -9.25 36.91 -58.92
N LYS A 148 -8.42 36.13 -58.22
CA LYS A 148 -8.33 36.30 -56.78
C LYS A 148 -7.73 37.65 -56.41
N ALA A 149 -6.71 38.08 -57.16
CA ALA A 149 -6.13 39.39 -56.89
C ALA A 149 -7.17 40.49 -57.05
N ALA A 150 -8.06 40.35 -58.04
CA ALA A 150 -9.09 41.35 -58.23
C ALA A 150 -10.20 41.26 -57.19
N ALA A 151 -10.49 40.05 -56.68
CA ALA A 151 -11.58 39.89 -55.73
C ALA A 151 -11.26 40.46 -54.35
N ASP A 152 -9.99 40.43 -53.93
CA ASP A 152 -9.60 40.93 -52.61
C ASP A 152 -8.28 41.66 -52.85
N ILE A 153 -8.39 42.92 -53.25
CA ILE A 153 -7.22 43.70 -53.60
C ILE A 153 -6.34 43.95 -52.38
N ASP A 154 -6.94 44.23 -51.23
CA ASP A 154 -6.16 44.58 -50.04
C ASP A 154 -5.43 43.37 -49.47
N ALA A 155 -6.10 42.22 -49.36
CA ALA A 155 -5.39 41.03 -48.89
C ALA A 155 -4.25 40.63 -49.82
N THR A 156 -4.44 40.83 -51.13
CA THR A 156 -3.36 40.51 -52.07
C THR A 156 -2.19 41.48 -51.89
N ARG A 157 -2.50 42.76 -51.67
CA ARG A 157 -1.47 43.75 -51.38
C ARG A 157 -0.71 43.38 -50.13
N GLU A 158 -1.43 42.97 -49.08
CA GLU A 158 -0.79 42.54 -47.83
C GLU A 158 0.12 41.35 -48.06
N PHE A 159 -0.36 40.37 -48.83
CA PHE A 159 0.45 39.21 -49.18
C PHE A 159 1.76 39.62 -49.83
N ILE A 160 1.69 40.47 -50.84
CA ILE A 160 2.91 40.90 -51.52
C ILE A 160 3.81 41.67 -50.57
N ARG A 161 3.23 42.65 -49.85
CA ARG A 161 4.01 43.50 -48.95
C ARG A 161 4.76 42.70 -47.90
N GLN A 162 4.17 41.62 -47.40
CA GLN A 162 4.83 40.83 -46.36
C GLN A 162 6.12 40.18 -46.86
N TRP A 163 6.27 40.01 -48.17
CA TRP A 163 7.46 39.39 -48.73
C TRP A 163 8.46 40.37 -49.33
N GLU A 164 8.03 41.58 -49.69
CA GLU A 164 8.91 42.56 -50.32
C GLU A 164 10.23 42.74 -49.56
N GLY A 165 11.32 42.83 -50.30
CA GLY A 165 12.62 43.15 -49.76
C GLY A 165 13.39 42.01 -49.13
N ARG A 166 12.90 40.78 -49.19
CA ARG A 166 13.65 39.64 -48.70
C ARG A 166 14.54 39.07 -49.80
N ASP A 167 15.80 38.81 -49.46
CA ASP A 167 16.77 38.32 -50.42
C ASP A 167 16.58 36.85 -50.76
N ASP A 168 15.92 36.08 -49.90
CA ASP A 168 15.65 34.66 -50.11
C ASP A 168 14.33 34.40 -50.83
N VAL A 169 13.65 35.42 -51.33
CA VAL A 169 12.36 35.28 -51.98
C VAL A 169 12.49 35.51 -53.47
N GLU A 170 12.03 34.54 -54.26
CA GLU A 170 11.88 34.68 -55.71
C GLU A 170 10.62 35.46 -56.05
N TYR A 171 10.77 36.44 -56.94
CA TYR A 171 9.67 37.25 -57.45
C TYR A 171 9.44 36.99 -58.93
N ALA A 172 8.19 37.09 -59.37
CA ALA A 172 7.86 36.98 -60.79
C ALA A 172 6.80 38.01 -61.17
N ILE A 173 6.92 38.55 -62.38
CA ILE A 173 5.91 39.45 -62.94
C ILE A 173 4.73 38.65 -63.46
N ARG A 174 3.53 38.93 -62.93
CA ARG A 174 2.29 38.40 -63.47
C ARG A 174 1.57 39.55 -64.17
N ASN A 175 0.97 39.26 -65.33
CA ASN A 175 0.20 40.28 -66.03
C ASN A 175 -1.26 40.19 -65.62
N TRP A 176 -1.69 41.14 -64.79
CA TRP A 176 -3.05 41.36 -64.32
C TRP A 176 -3.70 42.56 -65.01
N SER A 177 -3.22 42.93 -66.20
CA SER A 177 -3.91 43.95 -66.99
C SER A 177 -5.39 43.66 -67.22
N PRO A 178 -5.84 42.43 -67.49
CA PRO A 178 -7.28 42.21 -67.69
C PRO A 178 -8.16 42.56 -66.50
N VAL A 179 -7.60 42.67 -65.29
CA VAL A 179 -8.38 43.08 -64.14
C VAL A 179 -7.97 44.47 -63.67
N GLY A 180 -7.26 45.19 -64.53
CA GLY A 180 -6.88 46.57 -64.31
C GLY A 180 -5.65 46.80 -63.47
N LEU A 181 -4.95 45.75 -63.05
CA LEU A 181 -3.76 45.95 -62.25
C LEU A 181 -2.49 46.01 -63.07
N GLY A 182 -2.55 45.66 -64.35
CA GLY A 182 -1.35 45.79 -65.19
C GLY A 182 -0.36 44.67 -64.89
N LYS A 183 0.90 44.90 -65.23
CA LYS A 183 1.94 43.94 -64.86
C LYS A 183 2.42 44.25 -63.44
N THR A 184 2.29 43.26 -62.55
CA THR A 184 2.65 43.40 -61.15
C THR A 184 3.59 42.28 -60.76
N GLU A 185 4.70 42.63 -60.13
CA GLU A 185 5.59 41.63 -59.54
C GLU A 185 5.03 41.09 -58.23
N VAL A 186 5.02 39.76 -58.10
CA VAL A 186 4.47 39.06 -56.94
C VAL A 186 5.47 38.03 -56.45
N PRO A 187 5.57 37.82 -55.13
CA PRO A 187 6.44 36.76 -54.59
C PRO A 187 5.87 35.38 -54.88
N VAL A 188 6.73 34.47 -55.36
CA VAL A 188 6.28 33.15 -55.75
C VAL A 188 6.83 32.02 -54.87
N ARG A 189 8.03 32.15 -54.31
CA ARG A 189 8.63 31.04 -53.57
C ARG A 189 9.67 31.51 -52.57
N LEU A 190 9.59 30.99 -51.35
CA LEU A 190 10.67 31.12 -50.37
C LEU A 190 11.59 29.89 -50.43
N THR A 191 12.90 30.13 -50.45
CA THR A 191 13.89 29.05 -50.41
C THR A 191 14.98 29.35 -49.39
N LEU A 192 15.10 28.50 -48.38
CA LEU A 192 16.16 28.59 -47.38
C LEU A 192 17.17 27.47 -47.63
N ASN A 193 18.38 27.85 -48.02
CA ASN A 193 19.40 26.91 -48.46
C ASN A 193 20.33 26.45 -47.34
N THR A 194 20.55 27.29 -46.33
CA THR A 194 21.47 26.98 -45.24
C THR A 194 20.73 26.81 -43.93
N THR A 195 21.37 26.10 -43.00
CA THR A 195 20.80 25.93 -41.67
C THR A 195 20.67 27.27 -40.97
N GLU A 196 21.62 28.18 -41.16
CA GLU A 196 21.52 29.51 -40.56
C GLU A 196 20.30 30.26 -41.07
N GLU A 197 20.06 30.22 -42.39
CA GLU A 197 18.87 30.89 -42.93
C GLU A 197 17.59 30.31 -42.35
N LEU A 198 17.53 28.98 -42.22
CA LEU A 198 16.36 28.35 -41.63
C LEU A 198 16.17 28.78 -40.19
N VAL A 199 17.23 28.70 -39.39
CA VAL A 199 17.12 28.97 -37.95
C VAL A 199 16.78 30.43 -37.69
N VAL A 200 17.42 31.36 -38.41
CA VAL A 200 17.09 32.77 -38.24
C VAL A 200 15.66 33.03 -38.71
N PHE A 201 15.30 32.49 -39.87
CA PHE A 201 13.93 32.65 -40.34
C PHE A 201 12.94 31.97 -39.39
N ALA A 202 13.23 30.73 -38.99
CA ALA A 202 12.29 30.03 -38.12
C ALA A 202 12.23 30.64 -36.73
N GLN A 203 13.08 31.62 -36.44
CA GLN A 203 13.11 32.31 -35.14
C GLN A 203 13.36 31.33 -33.99
N VAL A 204 14.40 30.52 -34.14
CA VAL A 204 14.74 29.51 -33.14
C VAL A 204 16.22 29.61 -32.76
N GLU A 205 16.80 30.79 -32.89
CA GLU A 205 18.25 30.96 -32.66
C GLU A 205 18.65 30.51 -31.26
N ASP A 206 17.89 30.90 -30.23
CA ASP A 206 18.26 30.52 -28.87
C ASP A 206 18.14 29.01 -28.66
N GLU A 207 17.07 28.40 -29.18
CA GLU A 207 16.93 26.96 -29.07
C GLU A 207 18.04 26.24 -29.81
N TRP A 208 18.39 26.72 -31.00
CA TRP A 208 19.47 26.11 -31.78
C TRP A 208 20.80 26.21 -31.06
N SER A 209 21.12 27.39 -30.51
CA SER A 209 22.35 27.55 -29.73
C SER A 209 22.39 26.62 -28.53
N SER A 210 21.26 26.49 -27.82
CA SER A 210 21.23 25.59 -26.66
C SER A 210 21.39 24.14 -27.09
N LEU A 211 20.80 23.77 -28.22
CA LEU A 211 20.94 22.43 -28.76
C LEU A 211 22.38 22.13 -29.14
N HIS A 212 23.04 23.06 -29.84
CA HIS A 212 24.45 22.85 -30.17
C HIS A 212 25.35 22.84 -28.95
N GLU A 213 25.11 23.69 -27.97
CA GLU A 213 25.91 23.63 -26.74
C GLU A 213 25.80 22.25 -26.08
N ARG A 214 24.55 21.77 -25.90
CA ARG A 214 24.35 20.44 -25.34
C ARG A 214 24.99 19.37 -26.22
N PHE A 215 24.84 19.49 -27.54
CA PHE A 215 25.43 18.58 -28.50
C PHE A 215 26.96 18.54 -28.40
N SER A 216 27.59 19.72 -28.24
CA SER A 216 29.04 19.81 -28.11
C SER A 216 29.52 19.14 -26.84
N GLN A 217 28.67 19.17 -25.80
CA GLN A 217 28.99 18.42 -24.59
C GLN A 217 29.01 16.91 -24.81
N LEU A 218 28.38 16.43 -25.88
CA LEU A 218 28.31 15.03 -26.21
C LEU A 218 29.29 14.62 -27.31
N SER A 219 30.28 15.45 -27.63
CA SER A 219 31.26 15.14 -28.68
C SER A 219 32.13 13.92 -28.38
N GLY A 220 32.15 13.41 -27.14
CA GLY A 220 32.86 12.18 -26.88
C GLY A 220 32.23 10.94 -27.49
N PHE A 221 30.99 11.04 -27.93
CA PHE A 221 30.21 9.94 -28.48
C PHE A 221 30.01 10.15 -29.97
N THR A 222 29.57 9.10 -30.66
CA THR A 222 29.31 9.21 -32.10
C THR A 222 28.23 10.24 -32.36
N ALA A 223 28.58 11.25 -33.16
CA ALA A 223 27.65 12.34 -33.48
C ALA A 223 26.35 11.81 -34.09
N GLU A 224 26.46 10.81 -34.97
CA GLU A 224 25.27 10.26 -35.62
C GLU A 224 24.28 9.73 -34.59
N VAL A 225 24.78 8.95 -33.62
CA VAL A 225 23.90 8.37 -32.62
C VAL A 225 23.30 9.46 -31.74
N VAL A 226 24.10 10.46 -31.38
CA VAL A 226 23.60 11.55 -30.54
C VAL A 226 22.46 12.26 -31.25
N ALA A 227 22.66 12.60 -32.52
CA ALA A 227 21.65 13.31 -33.28
C ALA A 227 20.36 12.50 -33.41
N LYS A 228 20.49 11.19 -33.69
CA LYS A 228 19.29 10.38 -33.86
C LYS A 228 18.38 10.36 -32.63
N HIS A 229 18.95 10.47 -31.43
CA HIS A 229 18.16 10.43 -30.20
C HIS A 229 18.10 11.78 -29.49
N VAL A 230 18.23 12.88 -30.25
CA VAL A 230 18.15 14.23 -29.70
C VAL A 230 16.96 14.40 -28.76
N SER A 231 15.87 13.66 -29.01
CA SER A 231 14.69 13.72 -28.15
C SER A 231 14.99 13.33 -26.71
N LEU A 232 16.05 12.55 -26.48
CA LEU A 232 16.37 12.08 -25.14
C LEU A 232 17.08 13.13 -24.31
N TRP A 233 17.71 14.12 -24.93
CA TRP A 233 18.59 15.04 -24.22
C TRP A 233 18.32 16.52 -24.43
N ARG A 234 17.54 16.93 -25.44
CA ARG A 234 17.42 18.36 -25.73
C ARG A 234 16.93 19.16 -24.53
N SER A 235 16.17 18.53 -23.63
CA SER A 235 15.58 19.23 -22.50
C SER A 235 16.38 19.11 -21.20
N LEU A 236 17.51 18.41 -21.20
CA LEU A 236 18.31 18.30 -19.99
C LEU A 236 19.11 19.56 -19.73
N SER A 237 19.40 19.81 -18.45
CA SER A 237 20.33 20.85 -18.04
C SER A 237 21.76 20.43 -18.35
N ASN A 238 22.65 21.42 -18.44
CA ASN A 238 24.07 21.15 -18.63
C ASN A 238 24.65 20.32 -17.49
N ASP A 239 24.16 20.52 -16.27
CA ASP A 239 24.60 19.69 -15.16
C ASP A 239 24.13 18.25 -15.32
N ASP A 240 22.89 18.06 -15.79
CA ASP A 240 22.40 16.71 -16.03
C ASP A 240 23.25 16.00 -17.08
N LEU A 241 23.67 16.73 -18.11
CA LEU A 241 24.56 16.18 -19.13
C LEU A 241 25.91 15.77 -18.54
N SER A 242 26.50 16.64 -17.72
CA SER A 242 27.78 16.28 -17.09
C SER A 242 27.63 15.03 -16.21
N LYS A 243 26.56 14.97 -15.42
CA LYS A 243 26.30 13.76 -14.65
C LYS A 243 26.14 12.54 -15.55
N ALA A 244 25.47 12.71 -16.69
CA ALA A 244 25.29 11.61 -17.63
C ALA A 244 26.63 11.08 -18.13
N VAL A 245 27.53 11.98 -18.51
CA VAL A 245 28.86 11.56 -18.95
C VAL A 245 29.56 10.78 -17.86
N LEU A 246 29.50 11.28 -16.63
CA LEU A 246 30.15 10.59 -15.51
C LEU A 246 29.54 9.21 -15.28
N VAL A 247 28.21 9.09 -15.41
CA VAL A 247 27.53 7.82 -15.23
C VAL A 247 27.91 6.83 -16.32
N VAL A 248 28.01 7.31 -17.57
CA VAL A 248 28.44 6.43 -18.66
C VAL A 248 29.83 5.89 -18.39
N ASP A 249 30.77 6.76 -18.01
CA ASP A 249 32.10 6.26 -17.64
C ASP A 249 32.05 5.26 -16.48
N TRP A 250 31.14 5.47 -15.53
CA TRP A 250 30.99 4.52 -14.42
C TRP A 250 30.53 3.15 -14.91
N PHE A 251 29.52 3.13 -15.80
CA PHE A 251 29.05 1.87 -16.34
C PHE A 251 30.06 1.20 -17.26
N LEU A 252 30.92 1.98 -17.91
CA LEU A 252 31.98 1.37 -18.71
C LEU A 252 33.08 0.78 -17.84
N LYS A 253 33.35 1.39 -16.69
CA LYS A 253 34.38 0.87 -15.80
C LYS A 253 33.88 -0.26 -14.91
N HIS A 254 32.56 -0.37 -14.69
CA HIS A 254 31.97 -1.42 -13.85
C HIS A 254 30.90 -2.19 -14.63
N PRO A 255 31.28 -2.84 -15.74
CA PRO A 255 30.32 -3.66 -16.48
C PRO A 255 29.86 -4.87 -15.67
N ASN A 256 28.57 -5.19 -15.81
CA ASN A 256 27.96 -6.33 -15.11
C ASN A 256 28.24 -6.26 -13.61
N SER A 257 28.17 -5.05 -13.07
CA SER A 257 28.44 -4.82 -11.66
C SER A 257 27.54 -5.67 -10.77
N GLY A 258 26.34 -5.99 -11.24
CA GLY A 258 25.36 -6.66 -10.41
C GLY A 258 24.92 -5.81 -9.23
N LEU A 259 25.38 -4.57 -9.19
CA LEU A 259 25.07 -3.68 -8.07
C LEU A 259 23.69 -3.08 -8.25
N LEU A 260 23.05 -2.79 -7.11
CA LEU A 260 21.79 -2.07 -7.13
C LEU A 260 21.98 -0.65 -7.64
N LYS A 261 20.92 -0.13 -8.26
CA LYS A 261 20.93 1.22 -8.83
C LYS A 261 21.52 2.23 -7.85
N ARG A 262 21.30 2.03 -6.55
CA ARG A 262 21.87 2.88 -5.50
C ARG A 262 23.39 2.78 -5.39
N ALA A 263 23.99 1.68 -5.81
CA ALA A 263 25.44 1.56 -5.64
C ALA A 263 26.23 2.33 -6.70
N VAL A 264 25.57 2.98 -7.65
CA VAL A 264 26.23 3.90 -8.58
C VAL A 264 26.72 5.13 -7.82
N ALA A 265 27.99 5.12 -7.40
CA ALA A 265 28.53 6.20 -6.58
C ALA A 265 29.10 7.33 -7.44
N VAL A 266 28.20 7.93 -8.23
CA VAL A 266 28.51 9.10 -9.06
C VAL A 266 27.87 10.31 -8.40
N GLU A 267 28.65 11.36 -8.20
CA GLU A 267 28.17 12.53 -7.47
C GLU A 267 27.00 13.19 -8.18
N GLY A 268 26.00 13.56 -7.38
CA GLY A 268 24.75 14.11 -7.86
C GLY A 268 23.81 13.11 -8.49
N VAL A 269 24.20 11.85 -8.60
CA VAL A 269 23.37 10.83 -9.21
C VAL A 269 22.70 10.02 -8.10
N HIS A 270 21.40 10.22 -7.94
CA HIS A 270 20.55 9.39 -7.11
C HIS A 270 19.68 8.49 -8.00
N THR A 271 19.13 7.45 -7.37
CA THR A 271 18.41 6.39 -8.09
C THR A 271 17.28 6.93 -8.97
N LYS A 272 16.45 7.83 -8.46
CA LYS A 272 15.34 8.34 -9.26
C LYS A 272 15.83 9.07 -10.51
N TRP A 273 16.95 9.78 -10.40
CA TRP A 273 17.53 10.45 -11.55
C TRP A 273 18.09 9.45 -12.55
N LEU A 274 18.82 8.45 -12.05
CA LEU A 274 19.41 7.45 -12.93
C LEU A 274 18.33 6.67 -13.68
N GLU A 275 17.24 6.33 -13.00
CA GLU A 275 16.12 5.67 -13.65
C GLU A 275 15.43 6.56 -14.69
N ASN A 276 15.27 7.86 -14.38
CA ASN A 276 14.54 8.72 -15.31
C ASN A 276 15.24 8.85 -16.68
N HIS A 277 16.57 8.77 -16.69
CA HIS A 277 17.34 8.90 -17.93
C HIS A 277 17.90 7.57 -18.40
N ARG A 278 17.43 6.46 -17.80
CA ARG A 278 18.02 5.14 -18.01
C ARG A 278 18.15 4.77 -19.48
N VAL A 279 17.11 5.00 -20.30
CA VAL A 279 17.18 4.63 -21.71
C VAL A 279 18.32 5.36 -22.42
N LEU A 280 18.51 6.63 -22.08
CA LEU A 280 19.61 7.41 -22.63
C LEU A 280 20.96 6.81 -22.23
N ILE A 281 21.10 6.47 -20.95
CA ILE A 281 22.33 5.85 -20.46
C ILE A 281 22.61 4.54 -21.17
N GLU A 282 21.59 3.68 -21.32
CA GLU A 282 21.77 2.42 -22.03
C GLU A 282 22.23 2.66 -23.46
N THR A 283 21.67 3.67 -24.13
CA THR A 283 22.10 3.95 -25.50
C THR A 283 23.55 4.40 -25.55
N LEU A 284 23.95 5.27 -24.62
CA LEU A 284 25.31 5.79 -24.62
C LEU A 284 26.34 4.73 -24.25
N VAL A 285 25.98 3.83 -23.33
CA VAL A 285 26.85 2.70 -23.01
C VAL A 285 26.99 1.79 -24.22
N ALA A 286 25.89 1.55 -24.94
CA ALA A 286 25.97 0.77 -26.16
C ALA A 286 26.92 1.42 -27.16
N ASP A 287 26.80 2.74 -27.35
CA ASP A 287 27.70 3.47 -28.24
C ASP A 287 29.16 3.26 -27.87
N LYS A 288 29.52 3.49 -26.60
CA LYS A 288 30.93 3.31 -26.24
C LYS A 288 31.36 1.85 -26.31
N ARG A 289 30.43 0.91 -26.15
CA ARG A 289 30.77 -0.51 -26.24
C ARG A 289 30.74 -1.04 -27.67
N GLY A 290 30.24 -0.24 -28.62
CA GLY A 290 30.05 -0.74 -29.97
C GLY A 290 28.94 -1.75 -30.11
N GLU A 291 27.97 -1.74 -29.19
CA GLU A 291 26.80 -2.60 -29.21
C GLU A 291 25.63 -1.88 -29.86
N PRO A 292 24.79 -2.60 -30.61
CA PRO A 292 23.62 -1.97 -31.24
C PRO A 292 22.54 -1.63 -30.22
N GLY A 293 21.97 -0.44 -30.39
CA GLY A 293 20.77 -0.08 -29.64
C GLY A 293 21.09 0.30 -28.21
N ARG A 294 20.66 -0.55 -27.27
CA ARG A 294 20.79 -0.29 -25.85
C ARG A 294 21.65 -1.38 -25.24
N ALA A 295 22.66 -0.97 -24.46
CA ALA A 295 23.50 -1.91 -23.75
C ALA A 295 22.78 -2.39 -22.51
N ASP A 296 23.03 -3.65 -22.14
CA ASP A 296 22.73 -4.06 -20.78
C ASP A 296 23.67 -3.34 -19.82
N LEU A 297 23.09 -2.64 -18.85
CA LEU A 297 23.87 -1.92 -17.85
C LEU A 297 24.51 -2.85 -16.84
N GLY A 298 24.03 -4.08 -16.74
CA GLY A 298 24.54 -5.02 -15.77
C GLY A 298 24.25 -4.58 -14.36
N LEU A 299 23.16 -3.86 -14.16
CA LEU A 299 22.66 -3.54 -12.84
C LEU A 299 21.89 -4.71 -12.27
N GLY A 300 21.97 -4.88 -10.95
CA GLY A 300 21.28 -5.96 -10.29
C GLY A 300 20.02 -5.49 -9.58
N ASP A 301 19.38 -6.43 -8.92
CA ASP A 301 18.17 -6.22 -8.14
C ASP A 301 18.27 -6.85 -6.76
N ALA A 302 19.27 -7.69 -6.52
CA ALA A 302 19.56 -8.33 -5.24
C ALA A 302 18.28 -8.67 -4.49
N GLU A 303 17.46 -9.44 -5.17
CA GLU A 303 16.18 -9.93 -4.68
C GLU A 303 16.37 -11.34 -4.15
N ALA A 304 15.62 -11.67 -3.10
CA ALA A 304 15.73 -12.99 -2.48
C ALA A 304 14.72 -13.09 -1.34
N ARG A 305 15.21 -13.00 -0.11
CA ARG A 305 14.33 -13.01 1.07
C ARG A 305 13.35 -14.13 1.33
N VAL A 306 13.83 -15.20 1.93
CA VAL A 306 12.97 -16.25 2.49
C VAL A 306 12.91 -16.18 4.03
N ARG A 307 11.75 -16.47 4.60
CA ARG A 307 11.54 -16.46 6.04
C ARG A 307 11.49 -17.89 6.61
N LEU A 308 12.29 -18.15 7.66
CA LEU A 308 12.41 -19.47 8.27
C LEU A 308 12.22 -19.42 9.78
N ARG A 309 11.52 -20.43 10.31
CA ARG A 309 11.39 -20.66 11.74
C ARG A 309 11.94 -22.03 12.11
N PHE A 310 12.57 -22.11 13.28
CA PHE A 310 13.23 -23.32 13.76
C PHE A 310 12.73 -23.66 15.16
N HIS A 311 12.76 -24.95 15.49
CA HIS A 311 12.69 -25.36 16.89
C HIS A 311 13.96 -24.94 17.62
N SER A 312 13.82 -24.67 18.92
CA SER A 312 14.93 -24.11 19.70
C SER A 312 16.18 -24.98 19.67
N VAL A 313 16.05 -26.29 19.43
CA VAL A 313 17.22 -27.14 19.37
C VAL A 313 18.00 -26.97 18.07
N ASP A 314 17.35 -26.47 17.01
CA ASP A 314 17.98 -26.31 15.71
C ASP A 314 18.29 -24.86 15.37
N ALA A 315 17.90 -23.92 16.22
CA ALA A 315 18.00 -22.50 15.91
C ALA A 315 19.46 -22.09 15.70
N PRO A 316 19.81 -21.57 14.53
CA PRO A 316 21.20 -21.13 14.30
C PRO A 316 21.56 -19.99 15.24
N ALA A 317 22.62 -20.20 16.02
CA ALA A 317 23.02 -19.27 17.08
C ALA A 317 21.86 -18.97 18.04
N GLY A 318 20.92 -19.91 18.15
CA GLY A 318 19.75 -19.73 19.00
C GLY A 318 18.65 -18.85 18.44
N LEU A 319 18.74 -18.42 17.18
CA LEU A 319 17.72 -17.57 16.58
C LEU A 319 16.63 -18.44 15.96
N THR A 320 15.44 -18.40 16.56
CA THR A 320 14.32 -19.27 16.19
C THR A 320 13.42 -18.71 15.11
N ASP A 321 13.55 -17.43 14.75
CA ASP A 321 12.75 -16.85 13.67
C ASP A 321 13.61 -15.84 12.93
N ILE A 322 13.98 -16.15 11.69
CA ILE A 322 14.89 -15.31 10.90
C ILE A 322 14.33 -15.13 9.51
N GLU A 323 14.67 -14.01 8.89
CA GLU A 323 14.46 -13.79 7.46
C GLU A 323 15.81 -13.50 6.83
N VAL A 324 16.18 -14.29 5.82
CA VAL A 324 17.50 -14.14 5.18
C VAL A 324 17.40 -14.01 3.67
N PRO A 325 18.36 -13.36 3.02
CA PRO A 325 18.52 -13.54 1.58
C PRO A 325 18.71 -15.01 1.23
N LEU A 326 18.24 -15.39 0.04
CA LEU A 326 18.43 -16.77 -0.43
C LEU A 326 19.89 -17.15 -0.54
N SER A 327 20.76 -16.17 -0.84
CA SER A 327 22.19 -16.43 -0.98
C SER A 327 22.84 -16.92 0.32
N ASN A 328 22.28 -16.56 1.48
CA ASN A 328 22.83 -17.02 2.75
C ASN A 328 22.44 -18.44 3.13
N LEU A 329 21.52 -19.08 2.40
CA LEU A 329 21.02 -20.40 2.80
C LEU A 329 22.13 -21.45 2.88
N CYS A 330 23.22 -21.27 2.14
CA CYS A 330 24.34 -22.22 2.22
C CYS A 330 25.03 -22.23 3.58
N GLU A 331 24.81 -21.23 4.43
CA GLU A 331 25.43 -21.19 5.75
C GLU A 331 24.66 -22.01 6.79
N LEU A 332 23.46 -22.47 6.47
CA LEU A 332 22.65 -23.28 7.37
C LEU A 332 22.92 -24.78 7.25
N GLN A 333 22.69 -25.48 8.36
CA GLN A 333 22.65 -26.93 8.35
C GLN A 333 21.50 -27.37 7.44
N GLU A 334 21.75 -28.40 6.64
CA GLU A 334 20.72 -28.93 5.76
C GLU A 334 19.49 -29.41 6.52
N PRO A 335 18.29 -28.99 6.14
CA PRO A 335 17.09 -29.38 6.88
C PRO A 335 16.67 -30.80 6.52
N GLN A 336 16.15 -31.52 7.51
CA GLN A 336 15.52 -32.80 7.20
C GLN A 336 14.13 -32.62 6.58
N VAL A 337 13.29 -31.76 7.17
CA VAL A 337 11.96 -31.51 6.64
C VAL A 337 11.74 -30.01 6.53
N ILE A 338 11.18 -29.57 5.40
CA ILE A 338 10.75 -28.20 5.20
C ILE A 338 9.23 -28.19 5.10
N LEU A 339 8.58 -27.37 5.93
CA LEU A 339 7.15 -27.08 5.81
C LEU A 339 6.99 -25.66 5.28
N MET A 340 6.67 -25.54 3.99
CA MET A 340 6.32 -24.25 3.38
C MET A 340 4.84 -23.96 3.56
N VAL A 341 4.52 -22.79 4.10
CA VAL A 341 3.15 -22.35 4.35
C VAL A 341 2.88 -21.07 3.56
N GLU A 342 1.78 -21.06 2.81
CA GLU A 342 1.44 -19.91 1.98
C GLU A 342 0.94 -18.74 2.81
N ASN A 343 -0.05 -18.97 3.67
CA ASN A 343 -0.60 -17.89 4.48
C ASN A 343 0.34 -17.59 5.63
N LEU A 344 0.62 -16.30 5.84
CA LEU A 344 1.56 -15.88 6.88
C LEU A 344 1.02 -16.17 8.27
N ASP A 345 -0.27 -15.94 8.50
CA ASP A 345 -0.82 -16.06 9.85
C ASP A 345 -0.80 -17.51 10.32
N SER A 346 -1.14 -18.45 9.44
CA SER A 346 -0.94 -19.87 9.73
C SER A 346 0.53 -20.21 9.93
N PHE A 347 1.41 -19.68 9.07
CA PHE A 347 2.84 -19.90 9.25
C PHE A 347 3.32 -19.48 10.64
N LEU A 348 2.83 -18.34 11.15
CA LEU A 348 3.28 -17.87 12.44
C LEU A 348 2.63 -18.61 13.61
N ALA A 349 1.39 -19.08 13.44
CA ALA A 349 0.71 -19.69 14.58
C ALA A 349 1.17 -21.11 14.86
N LEU A 350 1.77 -21.77 13.88
CA LEU A 350 2.27 -23.13 14.07
C LEU A 350 3.36 -23.19 15.15
N PRO A 351 3.37 -24.23 15.98
CA PRO A 351 4.53 -24.51 16.82
C PRO A 351 5.72 -24.94 15.97
N THR A 352 6.89 -24.98 16.59
CA THR A 352 8.10 -25.45 15.92
C THR A 352 8.45 -26.85 16.38
N TRP A 353 9.06 -27.62 15.48
CA TRP A 353 9.38 -29.03 15.73
C TRP A 353 10.85 -29.33 15.51
N PRO A 354 11.41 -30.22 16.33
CA PRO A 354 12.79 -30.70 16.10
C PRO A 354 12.99 -31.26 14.70
N GLY A 355 14.09 -30.84 14.06
CA GLY A 355 14.45 -31.29 12.73
C GLY A 355 13.62 -30.71 11.61
N VAL A 356 12.64 -29.88 11.91
CA VAL A 356 11.72 -29.32 10.92
C VAL A 356 12.01 -27.83 10.80
N THR A 357 12.29 -27.39 9.58
CA THR A 357 12.40 -25.98 9.24
C THR A 357 11.08 -25.54 8.62
N ILE A 358 10.42 -24.55 9.22
CA ILE A 358 9.22 -23.97 8.64
C ILE A 358 9.60 -22.80 7.74
N ALA A 359 9.11 -22.81 6.51
CA ALA A 359 9.36 -21.78 5.52
C ALA A 359 8.07 -21.04 5.16
N TRP A 360 8.16 -19.71 5.06
CA TRP A 360 7.03 -18.92 4.58
C TRP A 360 7.07 -18.85 3.04
N GLY A 361 6.02 -19.37 2.40
CA GLY A 361 6.00 -19.39 0.95
C GLY A 361 5.70 -18.06 0.30
N ALA A 362 5.01 -17.17 1.02
CA ALA A 362 4.65 -15.85 0.50
C ALA A 362 3.94 -15.92 -0.84
N GLY A 363 2.99 -16.85 -0.95
CA GLY A 363 2.22 -16.99 -2.18
C GLY A 363 3.06 -17.47 -3.35
N TYR A 364 2.85 -16.82 -4.50
CA TYR A 364 3.56 -17.14 -5.73
C TYR A 364 5.08 -16.99 -5.60
N ARG A 365 5.55 -16.26 -4.60
CA ARG A 365 6.99 -16.14 -4.37
C ARG A 365 7.64 -17.49 -4.05
N ALA A 366 6.83 -18.46 -3.62
CA ALA A 366 7.31 -19.81 -3.35
C ALA A 366 8.04 -20.44 -4.54
N VAL A 367 7.52 -20.23 -5.75
CA VAL A 367 8.12 -20.83 -6.95
C VAL A 367 9.55 -20.34 -7.16
N ASP A 368 9.81 -19.05 -6.94
CA ASP A 368 11.19 -18.58 -7.07
C ASP A 368 12.05 -19.03 -5.90
N ILE A 369 11.46 -19.07 -4.70
CA ILE A 369 12.21 -19.42 -3.50
C ILE A 369 12.76 -20.84 -3.58
N VAL A 370 11.92 -21.79 -4.02
CA VAL A 370 12.32 -23.20 -4.04
C VAL A 370 13.40 -23.52 -5.06
N ARG A 371 13.77 -22.55 -5.90
CA ARG A 371 14.93 -22.76 -6.78
C ARG A 371 16.23 -22.90 -6.01
N GLY A 372 16.27 -22.45 -4.76
CA GLY A 372 17.41 -22.63 -3.91
C GLY A 372 17.67 -24.08 -3.53
N PRO A 373 18.93 -24.52 -3.64
CA PRO A 373 19.26 -25.91 -3.31
C PRO A 373 18.85 -26.34 -1.90
N TYR A 374 18.77 -25.38 -0.96
CA TYR A 374 18.31 -25.68 0.39
C TYR A 374 17.01 -26.48 0.40
N PHE A 375 16.11 -26.18 -0.53
CA PHE A 375 14.78 -26.75 -0.56
C PHE A 375 14.71 -28.15 -1.14
N SER A 376 15.72 -28.57 -1.90
CA SER A 376 15.77 -29.95 -2.37
C SER A 376 16.51 -30.89 -1.41
N ASN A 377 17.22 -30.35 -0.41
CA ASN A 377 18.02 -31.18 0.47
C ASN A 377 17.18 -31.93 1.48
N GLY A 378 15.94 -31.50 1.70
CA GLY A 378 15.01 -32.17 2.59
C GLY A 378 13.75 -32.60 1.89
N ARG A 379 12.89 -33.25 2.66
CA ARG A 379 11.53 -33.53 2.22
C ARG A 379 10.74 -32.24 2.27
N LEU A 380 10.24 -31.79 1.12
CA LEU A 380 9.50 -30.54 1.03
C LEU A 380 8.01 -30.82 1.13
N LEU A 381 7.39 -30.32 2.20
CA LEU A 381 5.94 -30.32 2.35
C LEU A 381 5.39 -28.93 2.09
N TYR A 382 4.27 -28.85 1.38
CA TYR A 382 3.61 -27.59 1.06
C TYR A 382 2.18 -27.59 1.57
N TRP A 383 1.80 -26.50 2.24
CA TRP A 383 0.43 -26.21 2.65
C TRP A 383 0.02 -24.84 2.09
N GLY A 384 -0.91 -24.83 1.15
CA GLY A 384 -1.45 -23.60 0.60
C GLY A 384 -2.94 -23.42 0.83
N ASP A 385 -3.44 -22.31 0.28
CA ASP A 385 -4.88 -22.07 0.21
C ASP A 385 -5.59 -23.14 -0.61
N LEU A 386 -6.83 -23.43 -0.24
CA LEU A 386 -7.69 -24.30 -1.03
C LEU A 386 -8.44 -23.44 -2.04
N ASP A 387 -7.72 -23.04 -3.08
CA ASP A 387 -8.29 -22.29 -4.20
C ASP A 387 -7.39 -22.49 -5.42
N LEU A 388 -7.75 -21.82 -6.51
CA LEU A 388 -6.96 -21.93 -7.73
C LEU A 388 -5.51 -21.51 -7.51
N ASP A 389 -5.30 -20.43 -6.76
CA ASP A 389 -3.97 -19.88 -6.60
C ASP A 389 -3.07 -20.80 -5.79
N GLY A 390 -3.58 -21.37 -4.70
CA GLY A 390 -2.80 -22.31 -3.90
C GLY A 390 -2.34 -23.53 -4.68
N PHE A 391 -3.24 -24.09 -5.49
CA PHE A 391 -2.87 -25.22 -6.35
C PHE A 391 -1.90 -24.80 -7.44
N LYS A 392 -2.04 -23.59 -8.00
CA LYS A 392 -1.07 -23.14 -8.99
C LYS A 392 0.32 -22.96 -8.38
N ILE A 393 0.37 -22.46 -7.15
CA ILE A 393 1.65 -22.35 -6.45
C ILE A 393 2.24 -23.74 -6.20
N LEU A 394 1.40 -24.69 -5.78
CA LEU A 394 1.86 -26.06 -5.57
C LEU A 394 2.43 -26.65 -6.85
N ASP A 395 1.73 -26.46 -7.97
CA ASP A 395 2.21 -26.90 -9.28
C ASP A 395 3.57 -26.29 -9.62
N GLY A 396 3.70 -24.97 -9.44
CA GLY A 396 4.98 -24.32 -9.70
C GLY A 396 6.09 -24.81 -8.79
N VAL A 397 5.77 -25.07 -7.52
CA VAL A 397 6.77 -25.60 -6.59
C VAL A 397 7.25 -26.97 -7.04
N ARG A 398 6.33 -27.87 -7.38
CA ARG A 398 6.76 -29.19 -7.85
C ARG A 398 7.50 -29.11 -9.18
N SER A 399 7.23 -28.09 -9.99
CA SER A 399 8.01 -27.90 -11.20
C SER A 399 9.52 -27.77 -10.93
N HIS A 400 9.91 -27.38 -9.72
CA HIS A 400 11.31 -27.36 -9.32
C HIS A 400 11.70 -28.44 -8.32
N VAL A 401 10.81 -28.82 -7.41
CA VAL A 401 11.12 -29.87 -6.43
C VAL A 401 10.06 -30.95 -6.54
N PRO A 402 10.18 -31.88 -7.49
CA PRO A 402 9.07 -32.79 -7.79
C PRO A 402 8.62 -33.65 -6.62
N HIS A 403 9.47 -33.87 -5.61
CA HIS A 403 9.05 -34.68 -4.48
C HIS A 403 8.28 -33.88 -3.44
N THR A 404 7.81 -32.69 -3.81
CA THR A 404 6.99 -31.88 -2.91
C THR A 404 5.67 -32.59 -2.62
N GLU A 405 5.37 -32.73 -1.33
CA GLU A 405 4.14 -33.33 -0.86
C GLU A 405 3.18 -32.23 -0.39
N SER A 406 1.93 -32.31 -0.83
CA SER A 406 0.93 -31.39 -0.34
C SER A 406 0.34 -31.86 0.99
N VAL A 407 0.02 -30.89 1.85
CA VAL A 407 -0.60 -31.14 3.15
C VAL A 407 -1.89 -30.33 3.21
N LEU A 408 -2.97 -30.98 3.64
CA LEU A 408 -4.30 -30.39 3.75
C LEU A 408 -4.84 -29.90 2.41
N MET A 409 -4.19 -30.28 1.31
CA MET A 409 -4.67 -29.95 -0.02
C MET A 409 -5.20 -31.23 -0.68
N ASN A 410 -6.15 -31.88 -0.02
CA ASN A 410 -6.74 -33.12 -0.50
C ASN A 410 -8.25 -33.04 -0.36
N SER A 411 -8.94 -33.93 -1.08
CA SER A 411 -10.40 -33.89 -1.11
C SER A 411 -11.00 -34.14 0.26
N GLU A 412 -10.31 -34.85 1.15
CA GLU A 412 -10.81 -35.07 2.50
C GLU A 412 -10.90 -33.76 3.29
N THR A 413 -9.83 -32.97 3.27
CA THR A 413 -9.83 -31.67 3.95
C THR A 413 -10.84 -30.72 3.32
N VAL A 414 -10.86 -30.67 1.99
CA VAL A 414 -11.85 -29.87 1.27
C VAL A 414 -13.24 -30.24 1.72
N SER A 415 -13.57 -31.53 1.68
CA SER A 415 -14.90 -31.97 2.06
C SER A 415 -15.24 -31.53 3.48
N ARG A 416 -14.26 -31.56 4.39
CA ARG A 416 -14.60 -31.16 5.76
C ARG A 416 -14.84 -29.65 5.86
N TRP A 417 -14.03 -28.84 5.17
CA TRP A 417 -14.01 -27.41 5.46
C TRP A 417 -14.71 -26.54 4.42
N ARG A 418 -15.25 -27.14 3.36
CA ARG A 418 -15.97 -26.40 2.33
C ARG A 418 -17.10 -25.51 2.85
N TYR A 419 -17.67 -25.82 4.02
CA TYR A 419 -18.71 -24.96 4.56
C TYR A 419 -18.22 -23.57 4.95
N LEU A 420 -16.90 -23.38 5.07
CA LEU A 420 -16.33 -22.05 5.23
C LEU A 420 -15.79 -21.45 3.94
N GLY A 421 -15.88 -22.16 2.82
CA GLY A 421 -15.38 -21.61 1.57
C GLY A 421 -16.22 -20.45 1.08
N VAL A 422 -15.56 -19.56 0.34
CA VAL A 422 -16.21 -18.50 -0.42
C VAL A 422 -15.91 -18.70 -1.89
N ALA A 423 -16.71 -18.07 -2.74
CA ALA A 423 -16.43 -18.10 -4.17
C ALA A 423 -15.11 -17.40 -4.48
N ASP A 424 -14.25 -18.10 -5.21
CA ASP A 424 -13.05 -17.50 -5.78
C ASP A 424 -13.47 -16.64 -6.97
N ARG A 425 -13.30 -15.32 -6.85
CA ARG A 425 -13.86 -14.40 -7.84
C ARG A 425 -13.06 -14.35 -9.13
N GLU A 426 -11.81 -14.79 -9.13
CA GLU A 426 -10.93 -14.63 -10.28
C GLU A 426 -10.67 -15.95 -10.98
N PHE A 427 -11.45 -16.98 -10.66
CA PHE A 427 -11.23 -18.33 -11.16
C PHE A 427 -11.23 -18.34 -12.68
N LYS A 428 -10.12 -18.82 -13.25
CA LYS A 428 -9.99 -19.10 -14.67
C LYS A 428 -9.46 -20.51 -14.79
N ALA A 429 -10.19 -21.38 -15.47
CA ALA A 429 -9.70 -22.73 -15.67
C ALA A 429 -8.32 -22.68 -16.31
N GLU A 430 -7.33 -23.15 -15.55
CA GLU A 430 -5.95 -23.30 -15.98
C GLU A 430 -5.55 -24.74 -15.75
N SER A 431 -4.72 -25.30 -16.62
CA SER A 431 -4.26 -26.66 -16.43
C SER A 431 -2.87 -26.68 -15.79
N PHE A 432 -2.72 -27.58 -14.82
CA PHE A 432 -1.47 -27.73 -14.09
C PHE A 432 -0.92 -29.13 -14.33
N ASP A 433 0.35 -29.21 -14.71
CA ASP A 433 0.94 -30.48 -15.12
C ASP A 433 1.54 -31.28 -13.97
N ASN A 434 1.84 -30.65 -12.84
CA ASN A 434 2.61 -31.30 -11.78
C ASN A 434 1.78 -31.64 -10.55
N LEU A 435 0.45 -31.51 -10.64
CA LEU A 435 -0.43 -32.00 -9.58
C LEU A 435 -0.59 -33.51 -9.67
N HIS A 436 -0.68 -34.15 -8.50
CA HIS A 436 -1.06 -35.56 -8.43
C HIS A 436 -2.58 -35.68 -8.56
N ASP A 437 -3.03 -36.89 -8.95
CA ASP A 437 -4.45 -37.12 -9.17
C ASP A 437 -5.31 -36.65 -8.01
N PHE A 438 -4.86 -36.86 -6.76
CA PHE A 438 -5.70 -36.45 -5.63
C PHE A 438 -5.79 -34.93 -5.52
N GLU A 439 -4.85 -34.21 -6.10
CA GLU A 439 -4.92 -32.75 -6.11
C GLU A 439 -5.76 -32.24 -7.26
N SER A 440 -5.67 -32.89 -8.42
CA SER A 440 -6.63 -32.62 -9.48
C SER A 440 -8.05 -32.86 -9.00
N ASP A 441 -8.27 -33.95 -8.26
CA ASP A 441 -9.58 -34.24 -7.68
C ASP A 441 -10.02 -33.19 -6.67
N ALA A 442 -9.08 -32.67 -5.87
CA ALA A 442 -9.46 -31.65 -4.89
C ALA A 442 -9.76 -30.31 -5.57
N LEU A 443 -8.93 -29.89 -6.53
CA LEU A 443 -9.22 -28.66 -7.25
C LEU A 443 -10.53 -28.76 -8.03
N ASP A 444 -10.78 -29.90 -8.67
CA ASP A 444 -12.06 -30.12 -9.35
C ASP A 444 -13.24 -30.06 -8.37
N LEU A 445 -13.03 -30.57 -7.15
CA LEU A 445 -14.06 -30.47 -6.12
C LEU A 445 -14.33 -29.02 -5.74
N LEU A 446 -13.26 -28.22 -5.64
CA LEU A 446 -13.45 -26.79 -5.38
C LEU A 446 -14.20 -26.13 -6.54
N ILE A 447 -13.88 -26.54 -7.77
CA ILE A 447 -14.53 -25.98 -8.96
C ILE A 447 -16.04 -26.22 -8.90
N THR A 448 -16.45 -27.46 -8.67
CA THR A 448 -17.86 -27.81 -8.82
C THR A 448 -18.77 -27.23 -7.74
N ASP A 449 -18.25 -26.95 -6.54
CA ASP A 449 -19.07 -26.29 -5.52
C ASP A 449 -19.17 -24.79 -5.72
N GLY A 450 -18.81 -24.27 -6.89
CA GLY A 450 -19.03 -22.88 -7.23
C GLY A 450 -17.75 -22.10 -7.09
N GLU A 451 -16.65 -22.70 -7.57
CA GLU A 451 -15.34 -22.05 -7.57
C GLU A 451 -14.94 -21.63 -6.15
N LEU A 452 -14.98 -22.57 -5.21
CA LEU A 452 -14.77 -22.22 -3.82
C LEU A 452 -13.31 -21.86 -3.56
N ARG A 453 -13.13 -20.87 -2.70
CA ARG A 453 -11.87 -20.59 -2.02
C ARG A 453 -12.05 -20.91 -0.54
N ILE A 454 -11.25 -21.83 -0.03
CA ILE A 454 -11.22 -22.14 1.39
C ILE A 454 -9.86 -21.70 1.89
N GLU A 455 -9.80 -20.51 2.48
CA GLU A 455 -8.56 -19.98 3.03
C GLU A 455 -8.06 -20.80 4.21
N GLN A 456 -6.73 -20.91 4.29
CA GLN A 456 -6.05 -21.64 5.36
C GLN A 456 -6.53 -21.22 6.74
N GLU A 457 -6.81 -19.92 6.92
CA GLU A 457 -7.26 -19.39 8.21
C GLU A 457 -8.59 -19.96 8.68
N ARG A 458 -9.35 -20.57 7.79
CA ARG A 458 -10.63 -21.19 8.19
C ARG A 458 -10.46 -22.59 8.75
N ILE A 459 -9.32 -23.24 8.51
CA ILE A 459 -9.00 -24.52 9.12
C ILE A 459 -8.61 -24.30 10.58
N ARG A 460 -9.25 -25.04 11.49
CA ARG A 460 -8.88 -25.00 12.89
C ARG A 460 -7.40 -25.32 13.06
N LEU A 461 -6.70 -24.42 13.77
CA LEU A 461 -5.25 -24.53 13.89
C LEU A 461 -4.82 -25.88 14.46
N ASP A 462 -5.57 -26.39 15.44
CA ASP A 462 -5.25 -27.69 16.02
C ASP A 462 -5.44 -28.84 15.03
N VAL A 463 -6.46 -28.73 14.16
CA VAL A 463 -6.65 -29.75 13.13
C VAL A 463 -5.53 -29.71 12.11
N ALA A 464 -5.13 -28.51 11.68
CA ALA A 464 -4.01 -28.40 10.76
C ALA A 464 -2.74 -28.97 11.38
N VAL A 465 -2.51 -28.67 12.66
CA VAL A 465 -1.37 -29.22 13.37
C VAL A 465 -1.41 -30.74 13.37
N GLU A 466 -2.59 -31.31 13.66
CA GLU A 466 -2.72 -32.77 13.69
C GLU A 466 -2.43 -33.42 12.34
N GLU A 467 -2.97 -32.86 11.25
CA GLU A 467 -2.70 -33.42 9.93
C GLU A 467 -1.23 -33.24 9.52
N ILE A 468 -0.65 -32.08 9.85
CA ILE A 468 0.78 -31.85 9.60
C ILE A 468 1.63 -32.86 10.36
N GLU A 469 1.32 -33.08 11.63
CA GLU A 469 2.06 -34.04 12.44
C GLU A 469 1.93 -35.47 11.91
N LYS A 470 0.73 -35.84 11.44
CA LYS A 470 0.58 -37.15 10.82
C LYS A 470 1.48 -37.28 9.59
N VAL A 471 1.43 -36.28 8.70
CA VAL A 471 2.19 -36.37 7.47
C VAL A 471 3.69 -36.37 7.75
N ILE A 472 4.17 -35.51 8.66
CA ILE A 472 5.59 -35.47 8.98
C ILE A 472 6.07 -36.79 9.59
N ARG A 473 5.27 -37.39 10.48
CA ARG A 473 5.76 -38.61 11.12
C ARG A 473 5.86 -39.79 10.15
N GLY A 474 5.15 -39.74 9.04
CA GLY A 474 5.01 -40.91 8.18
C GLY A 474 4.26 -42.07 8.81
N MET B 107 -53.11 16.96 20.88
CA MET B 107 -53.67 16.37 19.67
C MET B 107 -54.11 14.92 19.89
N PRO B 108 -55.22 14.54 19.26
CA PRO B 108 -55.63 13.12 19.28
C PRO B 108 -54.54 12.19 18.77
N LEU B 109 -54.30 11.13 19.55
CA LEU B 109 -53.34 10.08 19.20
C LEU B 109 -54.08 8.94 18.50
N PHE B 110 -53.94 8.84 17.18
CA PHE B 110 -54.54 7.75 16.44
C PHE B 110 -53.80 6.43 16.71
N ILE B 111 -54.48 5.33 16.34
CA ILE B 111 -53.96 3.99 16.64
C ILE B 111 -52.61 3.74 15.99
N ASP B 112 -52.41 4.25 14.76
CA ASP B 112 -51.12 4.08 14.09
C ASP B 112 -50.01 4.80 14.85
N ASP B 113 -50.31 5.99 15.39
CA ASP B 113 -49.31 6.72 16.16
C ASP B 113 -48.98 6.01 17.46
N ALA B 114 -49.99 5.43 18.12
CA ALA B 114 -49.73 4.65 19.33
C ALA B 114 -48.90 3.42 19.02
N LEU B 115 -49.23 2.71 17.93
CA LEU B 115 -48.43 1.58 17.48
C LEU B 115 -46.96 1.97 17.29
N HIS B 116 -46.74 3.09 16.59
CA HIS B 116 -45.38 3.59 16.36
C HIS B 116 -44.67 3.91 17.67
N ARG B 117 -45.34 4.61 18.58
CA ARG B 117 -44.71 4.94 19.86
C ARG B 117 -44.43 3.69 20.67
N SER B 118 -45.33 2.72 20.66
CA SER B 118 -45.12 1.49 21.41
C SER B 118 -43.92 0.72 20.89
N LYS B 119 -43.79 0.61 19.56
CA LYS B 119 -42.62 -0.05 18.99
C LYS B 119 -41.33 0.71 19.28
N LYS B 120 -41.37 2.05 19.20
CA LYS B 120 -40.21 2.87 19.52
C LYS B 120 -39.78 2.69 20.98
N TYR B 121 -40.74 2.66 21.89
CA TYR B 121 -40.46 2.40 23.30
C TYR B 121 -39.89 1.00 23.50
N PHE B 122 -40.51 0.00 22.88
CA PHE B 122 -40.01 -1.37 22.92
C PHE B 122 -38.54 -1.44 22.54
N HIS B 123 -38.18 -0.82 21.41
CA HIS B 123 -36.78 -0.79 20.98
C HIS B 123 -35.90 0.01 21.95
N ALA B 124 -36.46 1.00 22.66
CA ALA B 124 -35.67 1.81 23.58
C ALA B 124 -35.34 1.13 24.93
N HIS B 125 -36.13 0.17 25.37
CA HIS B 125 -36.09 -0.57 26.62
C HIS B 125 -35.87 -2.07 26.46
N LEU B 126 -35.21 -2.47 25.36
CA LEU B 126 -34.97 -3.89 25.11
C LEU B 126 -34.28 -4.55 26.29
N SER B 127 -33.36 -3.85 26.93
CA SER B 127 -32.63 -4.41 28.07
C SER B 127 -33.55 -4.76 29.23
N GLU B 128 -34.39 -3.81 29.65
CA GLU B 128 -35.28 -4.01 30.78
C GLU B 128 -36.29 -5.12 30.54
N LEU B 129 -36.88 -5.17 29.34
CA LEU B 129 -37.86 -6.23 29.05
C LEU B 129 -37.25 -7.61 29.19
N LEU B 130 -36.03 -7.81 28.68
CA LEU B 130 -35.40 -9.12 28.82
C LEU B 130 -35.14 -9.46 30.28
N LEU B 131 -34.99 -8.45 31.13
CA LEU B 131 -34.83 -8.62 32.57
C LEU B 131 -36.16 -8.74 33.29
N GLY B 132 -37.28 -8.62 32.60
CA GLY B 132 -38.56 -8.59 33.27
C GLY B 132 -38.85 -7.31 34.00
N GLU B 133 -38.06 -6.27 33.72
CA GLU B 133 -38.19 -4.96 34.37
C GLU B 133 -39.02 -4.03 33.48
N PHE B 134 -40.28 -4.40 33.30
CA PHE B 134 -41.24 -3.58 32.56
C PHE B 134 -42.10 -2.81 33.57
N ALA B 135 -41.94 -1.49 33.58
CA ALA B 135 -42.72 -0.64 34.46
C ALA B 135 -44.13 -0.34 33.94
N GLY B 136 -44.48 -0.84 32.76
CA GLY B 136 -45.73 -0.43 32.14
C GLY B 136 -45.58 0.79 31.27
N LEU B 137 -46.46 0.91 30.28
CA LEU B 137 -46.53 2.10 29.44
C LEU B 137 -47.94 2.69 29.48
N SER B 138 -48.03 3.97 29.79
CA SER B 138 -49.29 4.71 29.80
C SER B 138 -49.22 5.87 28.82
N LEU B 139 -50.07 5.85 27.80
CA LEU B 139 -50.16 6.93 26.82
C LEU B 139 -51.54 7.60 26.87
N PRO B 140 -51.61 8.88 27.26
CA PRO B 140 -52.86 9.63 27.14
C PRO B 140 -53.22 9.92 25.69
N LEU B 141 -54.48 9.63 25.34
CA LEU B 141 -54.97 9.76 23.97
C LEU B 141 -55.52 11.14 23.65
N HIS B 142 -55.65 12.05 24.63
CA HIS B 142 -56.03 13.43 24.41
C HIS B 142 -57.30 13.61 23.56
N PRO B 143 -58.43 13.06 24.00
CA PRO B 143 -59.67 13.17 23.21
C PRO B 143 -60.00 14.60 22.83
N PRO B 144 -60.57 14.81 21.65
CA PRO B 144 -60.92 16.15 21.19
C PRO B 144 -61.77 16.94 22.18
N THR B 145 -61.52 18.25 22.24
CA THR B 145 -62.45 19.17 22.87
C THR B 145 -63.73 19.26 22.05
N ALA B 146 -64.80 19.74 22.69
CA ALA B 146 -66.08 19.92 22.01
C ALA B 146 -65.96 20.70 20.71
N ALA B 147 -65.16 21.77 20.73
CA ALA B 147 -64.97 22.58 19.53
C ALA B 147 -64.27 21.81 18.42
N LYS B 148 -63.20 21.07 18.76
CA LYS B 148 -62.54 20.28 17.72
C LYS B 148 -63.43 19.15 17.21
N ALA B 149 -64.18 18.51 18.11
CA ALA B 149 -65.10 17.47 17.68
C ALA B 149 -66.14 18.02 16.70
N ALA B 150 -66.61 19.24 16.95
CA ALA B 150 -67.56 19.86 16.03
C ALA B 150 -66.93 20.34 14.73
N ALA B 151 -65.66 20.76 14.77
CA ALA B 151 -65.01 21.27 13.56
C ALA B 151 -64.69 20.19 12.54
N ASP B 152 -64.41 18.97 12.97
CA ASP B 152 -64.09 17.87 12.06
C ASP B 152 -64.77 16.64 12.64
N ILE B 153 -66.05 16.48 12.29
CA ILE B 153 -66.87 15.41 12.84
C ILE B 153 -66.37 14.04 12.39
N ASP B 154 -65.97 13.93 11.12
CA ASP B 154 -65.56 12.63 10.59
C ASP B 154 -64.22 12.16 11.13
N ALA B 155 -63.22 13.05 11.20
CA ALA B 155 -61.96 12.67 11.81
C ALA B 155 -62.11 12.30 13.28
N THR B 156 -63.02 12.96 14.00
CA THR B 156 -63.26 12.61 15.40
C THR B 156 -63.92 11.24 15.51
N ARG B 157 -64.87 10.97 14.60
CA ARG B 157 -65.49 9.65 14.54
C ARG B 157 -64.46 8.57 14.26
N GLU B 158 -63.56 8.83 13.31
CA GLU B 158 -62.49 7.88 13.00
C GLU B 158 -61.59 7.64 14.21
N PHE B 159 -61.22 8.71 14.91
CA PHE B 159 -60.43 8.59 16.13
C PHE B 159 -61.10 7.68 17.15
N ILE B 160 -62.39 7.91 17.43
CA ILE B 160 -63.08 7.06 18.39
C ILE B 160 -63.16 5.62 17.88
N ARG B 161 -63.58 5.45 16.63
CA ARG B 161 -63.77 4.12 16.05
C ARG B 161 -62.50 3.27 16.12
N GLN B 162 -61.33 3.90 15.92
CA GLN B 162 -60.09 3.14 15.94
C GLN B 162 -59.78 2.53 17.30
N TRP B 163 -60.37 3.07 18.37
CA TRP B 163 -60.14 2.55 19.72
C TRP B 163 -61.25 1.67 20.25
N GLU B 164 -62.48 1.78 19.72
CA GLU B 164 -63.61 1.01 20.21
C GLU B 164 -63.30 -0.48 20.34
N GLY B 165 -63.76 -1.07 21.43
CA GLY B 165 -63.69 -2.50 21.65
C GLY B 165 -62.38 -3.05 22.17
N ARG B 166 -61.41 -2.20 22.47
CA ARG B 166 -60.16 -2.65 23.06
C ARG B 166 -60.28 -2.69 24.58
N ASP B 167 -59.84 -3.80 25.18
CA ASP B 167 -59.93 -3.99 26.62
C ASP B 167 -58.91 -3.18 27.41
N ASP B 168 -57.81 -2.79 26.78
CA ASP B 168 -56.77 -1.98 27.41
C ASP B 168 -56.99 -0.48 27.29
N VAL B 169 -58.14 -0.03 26.78
CA VAL B 169 -58.41 1.38 26.56
C VAL B 169 -59.44 1.87 27.57
N GLU B 170 -59.10 2.93 28.29
CA GLU B 170 -60.02 3.67 29.14
C GLU B 170 -60.91 4.60 28.33
N TYR B 171 -62.21 4.56 28.58
CA TYR B 171 -63.19 5.42 27.94
C TYR B 171 -63.81 6.37 28.96
N ALA B 172 -64.17 7.58 28.51
CA ALA B 172 -64.89 8.53 29.35
C ALA B 172 -65.98 9.23 28.57
N ILE B 173 -67.10 9.49 29.24
CA ILE B 173 -68.19 10.28 28.65
C ILE B 173 -67.85 11.76 28.69
N ARG B 174 -67.82 12.41 27.53
CA ARG B 174 -67.73 13.86 27.42
C ARG B 174 -69.09 14.39 27.00
N ASN B 175 -69.52 15.50 27.58
CA ASN B 175 -70.77 16.12 27.17
C ASN B 175 -70.51 17.17 26.10
N TRP B 176 -70.84 16.82 24.86
CA TRP B 176 -70.80 17.66 23.68
C TRP B 176 -72.20 18.10 23.24
N SER B 177 -73.16 18.11 24.16
CA SER B 177 -74.47 18.71 23.87
C SER B 177 -74.42 20.14 23.33
N PRO B 178 -73.54 21.03 23.82
CA PRO B 178 -73.50 22.40 23.23
C PRO B 178 -73.15 22.46 21.75
N VAL B 179 -72.56 21.41 21.18
CA VAL B 179 -72.26 21.39 19.76
C VAL B 179 -73.14 20.37 19.04
N GLY B 180 -74.21 19.93 19.70
CA GLY B 180 -75.22 19.06 19.15
C GLY B 180 -74.91 17.58 19.18
N LEU B 181 -73.79 17.17 19.76
CA LEU B 181 -73.46 15.75 19.77
C LEU B 181 -73.94 15.05 21.04
N GLY B 182 -74.39 15.80 22.05
CA GLY B 182 -74.91 15.15 23.24
C GLY B 182 -73.79 14.58 24.10
N LYS B 183 -74.12 13.61 24.95
CA LYS B 183 -73.09 12.91 25.70
C LYS B 183 -72.54 11.77 24.86
N THR B 184 -71.23 11.81 24.61
CA THR B 184 -70.56 10.83 23.77
C THR B 184 -69.38 10.25 24.55
N GLU B 185 -69.28 8.92 24.59
CA GLU B 185 -68.10 8.26 25.13
C GLU B 185 -66.93 8.30 24.16
N VAL B 186 -65.77 8.71 24.65
CA VAL B 186 -64.55 8.87 23.85
C VAL B 186 -63.39 8.15 24.53
N PRO B 187 -62.48 7.55 23.76
CA PRO B 187 -61.27 6.96 24.35
C PRO B 187 -60.30 8.01 24.85
N VAL B 188 -59.80 7.82 26.08
CA VAL B 188 -58.94 8.81 26.70
C VAL B 188 -57.50 8.34 26.91
N ARG B 189 -57.26 7.04 27.13
CA ARG B 189 -55.91 6.61 27.46
C ARG B 189 -55.71 5.13 27.15
N LEU B 190 -54.59 4.81 26.50
CA LEU B 190 -54.12 3.44 26.38
C LEU B 190 -53.10 3.12 27.47
N THR B 191 -53.27 1.97 28.12
CA THR B 191 -52.35 1.49 29.14
C THR B 191 -51.99 0.03 28.92
N LEU B 192 -50.70 -0.25 28.66
CA LEU B 192 -50.19 -1.60 28.53
C LEU B 192 -49.37 -1.95 29.77
N ASN B 193 -49.87 -2.90 30.56
CA ASN B 193 -49.31 -3.21 31.87
C ASN B 193 -48.28 -4.34 31.82
N THR B 194 -48.40 -5.28 30.88
CA THR B 194 -47.51 -6.42 30.79
C THR B 194 -46.66 -6.34 29.53
N THR B 195 -45.53 -7.06 29.57
CA THR B 195 -44.67 -7.14 28.39
C THR B 195 -45.39 -7.80 27.22
N GLU B 196 -46.21 -8.82 27.50
CA GLU B 196 -46.99 -9.45 26.43
C GLU B 196 -47.94 -8.46 25.76
N GLU B 197 -48.66 -7.65 26.55
CA GLU B 197 -49.53 -6.65 25.96
C GLU B 197 -48.76 -5.66 25.09
N LEU B 198 -47.60 -5.21 25.57
CA LEU B 198 -46.76 -4.30 24.77
C LEU B 198 -46.30 -4.95 23.47
N VAL B 199 -45.78 -6.17 23.55
CA VAL B 199 -45.20 -6.82 22.38
C VAL B 199 -46.28 -7.14 21.35
N VAL B 200 -47.43 -7.67 21.80
CA VAL B 200 -48.51 -7.94 20.86
C VAL B 200 -49.04 -6.65 20.27
N PHE B 201 -49.25 -5.62 21.10
CA PHE B 201 -49.69 -4.33 20.57
C PHE B 201 -48.63 -3.74 19.66
N ALA B 202 -47.36 -3.72 20.10
CA ALA B 202 -46.32 -3.11 19.27
C ALA B 202 -46.03 -3.89 18.01
N GLN B 203 -46.67 -5.07 17.85
CA GLN B 203 -46.51 -5.91 16.67
C GLN B 203 -45.06 -6.31 16.44
N VAL B 204 -44.43 -6.83 17.50
CA VAL B 204 -43.02 -7.23 17.47
C VAL B 204 -42.85 -8.65 17.99
N GLU B 205 -43.90 -9.47 17.87
CA GLU B 205 -43.85 -10.82 18.45
C GLU B 205 -42.69 -11.65 17.92
N ASP B 206 -42.46 -11.63 16.60
CA ASP B 206 -41.38 -12.42 16.04
C ASP B 206 -40.02 -11.91 16.51
N GLU B 207 -39.83 -10.60 16.53
CA GLU B 207 -38.57 -10.03 17.02
C GLU B 207 -38.36 -10.37 18.49
N TRP B 208 -39.42 -10.29 19.29
CA TRP B 208 -39.33 -10.61 20.72
C TRP B 208 -38.96 -12.08 20.93
N SER B 209 -39.63 -12.98 20.20
CA SER B 209 -39.28 -14.40 20.28
C SER B 209 -37.84 -14.66 19.88
N SER B 210 -37.36 -14.01 18.81
CA SER B 210 -35.98 -14.21 18.39
C SER B 210 -35.00 -13.66 19.43
N LEU B 211 -35.35 -12.53 20.04
CA LEU B 211 -34.53 -11.96 21.11
C LEU B 211 -34.47 -12.87 22.32
N HIS B 212 -35.60 -13.40 22.77
CA HIS B 212 -35.58 -14.34 23.89
C HIS B 212 -34.85 -15.64 23.55
N GLU B 213 -35.01 -16.18 22.34
CA GLU B 213 -34.25 -17.37 21.98
C GLU B 213 -32.75 -17.11 22.07
N ARG B 214 -32.28 -16.01 21.47
CA ARG B 214 -30.88 -15.65 21.56
C ARG B 214 -30.45 -15.41 23.01
N PHE B 215 -31.30 -14.73 23.78
CA PHE B 215 -31.05 -14.46 25.19
C PHE B 215 -30.93 -15.75 26.00
N SER B 216 -31.80 -16.72 25.73
CA SER B 216 -31.74 -17.99 26.44
C SER B 216 -30.49 -18.76 26.08
N GLN B 217 -29.95 -18.55 24.87
CA GLN B 217 -28.70 -19.23 24.57
C GLN B 217 -27.57 -18.67 25.43
N LEU B 218 -27.76 -17.45 25.99
CA LEU B 218 -26.78 -16.75 26.81
C LEU B 218 -27.02 -16.89 28.32
N SER B 219 -27.87 -17.84 28.73
CA SER B 219 -28.16 -18.05 30.14
C SER B 219 -26.96 -18.49 30.97
N GLY B 220 -25.85 -18.89 30.36
CA GLY B 220 -24.66 -19.19 31.15
C GLY B 220 -23.99 -17.98 31.77
N PHE B 221 -24.35 -16.79 31.32
CA PHE B 221 -23.76 -15.53 31.74
C PHE B 221 -24.78 -14.76 32.58
N THR B 222 -24.31 -13.73 33.28
CA THR B 222 -25.21 -12.89 34.07
C THR B 222 -26.25 -12.23 33.18
N ALA B 223 -27.53 -12.49 33.49
CA ALA B 223 -28.63 -11.95 32.70
C ALA B 223 -28.58 -10.43 32.62
N GLU B 224 -28.25 -9.76 33.73
CA GLU B 224 -28.19 -8.30 33.75
C GLU B 224 -27.19 -7.78 32.72
N VAL B 225 -25.99 -8.37 32.68
CA VAL B 225 -24.96 -7.92 31.76
C VAL B 225 -25.39 -8.18 30.32
N VAL B 226 -25.99 -9.34 30.06
CA VAL B 226 -26.45 -9.68 28.72
C VAL B 226 -27.47 -8.66 28.24
N ALA B 227 -28.45 -8.36 29.09
CA ALA B 227 -29.50 -7.42 28.72
C ALA B 227 -28.93 -6.02 28.46
N LYS B 228 -28.01 -5.56 29.30
CA LYS B 228 -27.46 -4.21 29.12
C LYS B 228 -26.79 -4.03 27.76
N HIS B 229 -26.19 -5.07 27.20
CA HIS B 229 -25.49 -4.97 25.92
C HIS B 229 -26.21 -5.72 24.79
N VAL B 230 -27.54 -5.84 24.89
CA VAL B 230 -28.35 -6.47 23.86
C VAL B 230 -28.01 -5.97 22.46
N SER B 231 -27.57 -4.70 22.35
CA SER B 231 -27.17 -4.15 21.06
C SER B 231 -26.03 -4.93 20.41
N LEU B 232 -25.22 -5.64 21.19
CA LEU B 232 -24.07 -6.35 20.67
C LEU B 232 -24.45 -7.68 20.01
N TRP B 233 -25.61 -8.24 20.35
CA TRP B 233 -25.94 -9.60 19.95
C TRP B 233 -27.29 -9.79 19.27
N ARG B 234 -28.21 -8.82 19.35
CA ARG B 234 -29.57 -9.06 18.84
C ARG B 234 -29.56 -9.48 17.38
N SER B 235 -28.57 -9.05 16.61
CA SER B 235 -28.52 -9.31 15.17
C SER B 235 -27.69 -10.53 14.79
N LEU B 236 -27.07 -11.22 15.73
CA LEU B 236 -26.27 -12.39 15.39
C LEU B 236 -27.15 -13.59 15.10
N SER B 237 -26.63 -14.49 14.25
CA SER B 237 -27.24 -15.79 14.05
C SER B 237 -27.02 -16.68 15.27
N ASN B 238 -27.87 -17.71 15.38
CA ASN B 238 -27.71 -18.71 16.44
C ASN B 238 -26.37 -19.44 16.35
N ASP B 239 -25.86 -19.64 15.13
CA ASP B 239 -24.54 -20.24 14.98
C ASP B 239 -23.45 -19.28 15.47
N ASP B 240 -23.60 -17.99 15.19
CA ASP B 240 -22.62 -17.03 15.69
C ASP B 240 -22.61 -17.02 17.21
N LEU B 241 -23.78 -17.14 17.83
CA LEU B 241 -23.85 -17.20 19.29
C LEU B 241 -23.16 -18.45 19.83
N SER B 242 -23.39 -19.61 19.20
CA SER B 242 -22.71 -20.83 19.64
C SER B 242 -21.19 -20.69 19.52
N LYS B 243 -20.73 -20.15 18.39
CA LYS B 243 -19.30 -19.89 18.25
C LYS B 243 -18.80 -18.93 19.33
N ALA B 244 -19.60 -17.92 19.66
CA ALA B 244 -19.20 -16.97 20.70
C ALA B 244 -19.02 -17.65 22.05
N VAL B 245 -19.96 -18.52 22.42
CA VAL B 245 -19.81 -19.28 23.67
C VAL B 245 -18.53 -20.11 23.65
N LEU B 246 -18.26 -20.79 22.53
CA LEU B 246 -17.04 -21.59 22.43
C LEU B 246 -15.78 -20.73 22.56
N VAL B 247 -15.81 -19.55 21.96
CA VAL B 247 -14.66 -18.63 22.03
C VAL B 247 -14.45 -18.11 23.44
N VAL B 248 -15.54 -17.78 24.14
CA VAL B 248 -15.41 -17.35 25.53
C VAL B 248 -14.78 -18.44 26.38
N ASP B 249 -15.26 -19.68 26.25
CA ASP B 249 -14.60 -20.77 26.97
C ASP B 249 -13.13 -20.91 26.58
N TRP B 250 -12.79 -20.67 25.32
CA TRP B 250 -11.40 -20.74 24.89
C TRP B 250 -10.55 -19.68 25.59
N PHE B 251 -11.05 -18.44 25.65
CA PHE B 251 -10.32 -17.36 26.32
C PHE B 251 -10.26 -17.56 27.82
N LEU B 252 -11.23 -18.24 28.41
CA LEU B 252 -11.15 -18.55 29.83
C LEU B 252 -10.15 -19.65 30.12
N LYS B 253 -10.00 -20.61 29.21
CA LYS B 253 -9.03 -21.69 29.39
C LYS B 253 -7.61 -21.30 29.00
N HIS B 254 -7.45 -20.28 28.15
CA HIS B 254 -6.12 -19.82 27.72
C HIS B 254 -5.95 -18.33 28.00
N PRO B 255 -6.04 -17.91 29.27
CA PRO B 255 -5.79 -16.50 29.60
C PRO B 255 -4.35 -16.09 29.33
N ASN B 256 -4.19 -14.85 28.84
CA ASN B 256 -2.88 -14.29 28.52
C ASN B 256 -2.09 -15.22 27.60
N SER B 257 -2.79 -15.82 26.64
CA SER B 257 -2.18 -16.76 25.72
C SER B 257 -1.00 -16.15 24.98
N GLY B 258 -1.03 -14.83 24.78
CA GLY B 258 -0.05 -14.17 23.94
C GLY B 258 -0.10 -14.63 22.50
N LEU B 259 -1.09 -15.45 22.17
CA LEU B 259 -1.21 -16.00 20.84
C LEU B 259 -1.84 -14.98 19.90
N LEU B 260 -1.47 -15.07 18.63
CA LEU B 260 -2.11 -14.28 17.59
C LEU B 260 -3.56 -14.67 17.42
N LYS B 261 -4.38 -13.69 17.02
CA LYS B 261 -5.82 -13.89 16.80
C LYS B 261 -6.09 -15.15 16.01
N ARG B 262 -5.19 -15.50 15.07
CA ARG B 262 -5.29 -16.74 14.30
C ARG B 262 -5.10 -18.01 15.12
N ALA B 263 -4.41 -17.94 16.25
CA ALA B 263 -4.18 -19.17 17.02
C ALA B 263 -5.38 -19.60 17.86
N VAL B 264 -6.48 -18.84 17.84
CA VAL B 264 -7.75 -19.28 18.42
C VAL B 264 -8.34 -20.43 17.63
N ALA B 265 -8.05 -21.67 18.06
CA ALA B 265 -8.47 -22.86 17.32
C ALA B 265 -9.86 -23.31 17.74
N VAL B 266 -10.83 -22.42 17.51
CA VAL B 266 -12.25 -22.67 17.73
C VAL B 266 -12.92 -22.85 16.36
N GLU B 267 -13.65 -23.96 16.20
CA GLU B 267 -14.22 -24.27 14.89
C GLU B 267 -15.19 -23.20 14.42
N GLY B 268 -15.08 -22.87 13.13
CA GLY B 268 -15.85 -21.81 12.52
C GLY B 268 -15.40 -20.41 12.87
N VAL B 269 -14.41 -20.26 13.73
CA VAL B 269 -13.92 -18.96 14.14
C VAL B 269 -12.64 -18.64 13.37
N HIS B 270 -12.75 -17.71 12.43
CA HIS B 270 -11.62 -17.10 11.75
C HIS B 270 -11.41 -15.68 12.27
N THR B 271 -10.21 -15.16 11.99
CA THR B 271 -9.76 -13.89 12.55
C THR B 271 -10.72 -12.73 12.29
N LYS B 272 -11.20 -12.59 11.06
CA LYS B 272 -12.11 -11.48 10.75
C LYS B 272 -13.40 -11.55 11.58
N TRP B 273 -13.89 -12.77 11.80
CA TRP B 273 -15.09 -12.94 12.63
C TRP B 273 -14.79 -12.62 14.09
N LEU B 274 -13.66 -13.11 14.61
CA LEU B 274 -13.31 -12.86 16.00
C LEU B 274 -13.12 -11.37 16.26
N GLU B 275 -12.48 -10.66 15.32
CA GLU B 275 -12.33 -9.21 15.43
C GLU B 275 -13.67 -8.49 15.37
N ASN B 276 -14.58 -8.93 14.49
CA ASN B 276 -15.84 -8.20 14.33
C ASN B 276 -16.68 -8.20 15.61
N HIS B 277 -16.60 -9.26 16.41
CA HIS B 277 -17.37 -9.38 17.64
C HIS B 277 -16.52 -9.16 18.88
N ARG B 278 -15.29 -8.68 18.69
CA ARG B 278 -14.29 -8.63 19.76
C ARG B 278 -14.79 -7.95 21.03
N VAL B 279 -15.47 -6.80 20.91
CA VAL B 279 -15.95 -6.08 22.09
C VAL B 279 -16.93 -6.94 22.89
N LEU B 280 -17.79 -7.68 22.19
CA LEU B 280 -18.71 -8.61 22.84
C LEU B 280 -17.95 -9.69 23.60
N ILE B 281 -16.94 -10.27 22.95
CA ILE B 281 -16.12 -11.31 23.59
C ILE B 281 -15.42 -10.76 24.83
N GLU B 282 -14.82 -9.57 24.73
CA GLU B 282 -14.17 -8.97 25.90
C GLU B 282 -15.16 -8.77 27.05
N THR B 283 -16.39 -8.36 26.73
CA THR B 283 -17.38 -8.18 27.79
C THR B 283 -17.73 -9.51 28.45
N LEU B 284 -17.92 -10.55 27.64
CA LEU B 284 -18.32 -11.86 28.18
C LEU B 284 -17.19 -12.52 28.97
N VAL B 285 -15.95 -12.33 28.53
CA VAL B 285 -14.81 -12.81 29.31
C VAL B 285 -14.73 -12.07 30.63
N ALA B 286 -14.97 -10.75 30.62
CA ALA B 286 -15.00 -10.00 31.86
C ALA B 286 -16.08 -10.54 32.80
N ASP B 287 -17.27 -10.80 32.27
CA ASP B 287 -18.35 -11.38 33.08
C ASP B 287 -17.92 -12.68 33.73
N LYS B 288 -17.39 -13.64 32.95
CA LYS B 288 -17.00 -14.90 33.58
C LYS B 288 -15.82 -14.75 34.53
N ARG B 289 -14.97 -13.74 34.31
CA ARG B 289 -13.84 -13.49 35.20
C ARG B 289 -14.21 -12.65 36.41
N GLY B 290 -15.41 -12.06 36.43
CA GLY B 290 -15.77 -11.13 37.47
C GLY B 290 -15.03 -9.81 37.40
N GLU B 291 -14.57 -9.43 36.22
CA GLU B 291 -13.89 -8.16 35.94
C GLU B 291 -14.89 -7.13 35.41
N PRO B 292 -14.73 -5.87 35.79
CA PRO B 292 -15.64 -4.84 35.28
C PRO B 292 -15.39 -4.52 33.80
N GLY B 293 -16.49 -4.36 33.06
CA GLY B 293 -16.39 -3.85 31.71
C GLY B 293 -15.89 -4.88 30.73
N ARG B 294 -14.67 -4.68 30.23
CA ARG B 294 -14.09 -5.52 29.20
C ARG B 294 -12.82 -6.14 29.75
N ALA B 295 -12.71 -7.46 29.59
CA ALA B 295 -11.51 -8.16 30.00
C ALA B 295 -10.42 -7.98 28.96
N ASP B 296 -9.18 -7.93 29.40
CA ASP B 296 -8.08 -8.16 28.48
C ASP B 296 -8.13 -9.62 28.03
N LEU B 297 -8.18 -9.81 26.71
CA LEU B 297 -8.19 -11.15 26.13
C LEU B 297 -6.84 -11.83 26.22
N GLY B 298 -5.77 -11.06 26.43
CA GLY B 298 -4.43 -11.61 26.46
C GLY B 298 -4.02 -12.15 25.12
N LEU B 299 -4.53 -11.56 24.03
CA LEU B 299 -4.06 -11.88 22.70
C LEU B 299 -2.76 -11.15 22.45
N GLY B 300 -1.91 -11.73 21.60
CA GLY B 300 -0.66 -11.13 21.22
C GLY B 300 -0.66 -10.56 19.82
N ASP B 301 0.47 -9.94 19.48
CA ASP B 301 0.67 -9.39 18.15
C ASP B 301 2.04 -9.77 17.57
N ALA B 302 3.03 -10.03 18.46
CA ALA B 302 4.38 -10.41 18.07
C ALA B 302 4.88 -9.35 17.08
N GLU B 303 5.64 -9.76 16.06
CA GLU B 303 6.12 -8.97 14.92
C GLU B 303 7.29 -7.99 15.24
N ALA B 304 7.65 -7.72 16.48
CA ALA B 304 8.79 -6.86 16.82
C ALA B 304 10.10 -7.30 16.15
N ARG B 305 10.40 -6.79 14.96
CA ARG B 305 11.49 -7.24 14.12
C ARG B 305 12.55 -6.15 13.96
N VAL B 306 13.75 -6.54 13.54
CA VAL B 306 14.88 -5.63 13.35
C VAL B 306 15.85 -6.39 12.49
N ARG B 307 16.49 -5.65 11.60
CA ARG B 307 17.39 -6.22 10.62
C ARG B 307 18.83 -5.84 10.93
N LEU B 308 19.71 -6.84 10.88
CA LEU B 308 21.11 -6.68 11.20
C LEU B 308 21.98 -7.34 10.14
N ARG B 309 23.09 -6.67 9.85
CA ARG B 309 24.16 -7.19 9.01
C ARG B 309 25.47 -7.23 9.78
N PHE B 310 26.26 -8.27 9.51
CA PHE B 310 27.51 -8.54 10.21
C PHE B 310 28.63 -8.70 9.19
N HIS B 311 29.86 -8.37 9.61
CA HIS B 311 31.03 -8.85 8.91
C HIS B 311 31.17 -10.36 9.07
N SER B 312 31.77 -11.00 8.07
CA SER B 312 31.82 -12.46 8.02
C SER B 312 32.50 -13.06 9.24
N VAL B 313 33.37 -12.32 9.92
CA VAL B 313 34.01 -12.86 11.12
C VAL B 313 33.08 -12.88 12.32
N ASP B 314 32.03 -12.07 12.31
CA ASP B 314 31.11 -11.97 13.43
C ASP B 314 29.77 -12.63 13.16
N ALA B 315 29.54 -13.12 11.95
CA ALA B 315 28.25 -13.61 11.53
C ALA B 315 27.80 -14.80 12.39
N PRO B 316 26.67 -14.70 13.09
CA PRO B 316 26.19 -15.82 13.89
C PRO B 316 25.89 -17.03 13.01
N ALA B 317 26.55 -18.15 13.31
CA ALA B 317 26.48 -19.35 12.47
C ALA B 317 26.82 -19.05 11.02
N GLY B 318 27.62 -18.00 10.78
CA GLY B 318 27.99 -17.59 9.44
C GLY B 318 26.94 -16.82 8.67
N LEU B 319 25.83 -16.43 9.30
CA LEU B 319 24.77 -15.69 8.62
C LEU B 319 25.07 -14.20 8.72
N THR B 320 25.39 -13.59 7.58
CA THR B 320 25.84 -12.19 7.50
C THR B 320 24.71 -11.18 7.31
N ASP B 321 23.49 -11.62 7.02
CA ASP B 321 22.36 -10.70 6.90
C ASP B 321 21.11 -11.41 7.43
N ILE B 322 20.59 -10.95 8.56
CA ILE B 322 19.46 -11.59 9.22
C ILE B 322 18.45 -10.54 9.63
N GLU B 323 17.19 -10.95 9.70
CA GLU B 323 16.13 -10.16 10.33
C GLU B 323 15.53 -11.02 11.44
N VAL B 324 15.52 -10.49 12.67
CA VAL B 324 15.03 -11.26 13.81
C VAL B 324 14.00 -10.49 14.62
N PRO B 325 13.10 -11.17 15.32
CA PRO B 325 12.35 -10.51 16.39
C PRO B 325 13.29 -9.90 17.44
N LEU B 326 12.84 -8.79 18.03
CA LEU B 326 13.64 -8.15 19.08
C LEU B 326 13.88 -9.08 20.26
N SER B 327 12.94 -9.98 20.54
CA SER B 327 13.08 -10.92 21.64
C SER B 327 14.26 -11.87 21.49
N ASN B 328 14.70 -12.15 20.26
CA ASN B 328 15.85 -13.02 20.04
C ASN B 328 17.20 -12.34 20.22
N LEU B 329 17.24 -11.01 20.40
CA LEU B 329 18.52 -10.31 20.46
C LEU B 329 19.40 -10.79 21.61
N CYS B 330 18.81 -11.33 22.69
CA CYS B 330 19.63 -11.84 23.78
C CYS B 330 20.47 -13.05 23.41
N GLU B 331 20.21 -13.70 22.27
CA GLU B 331 21.01 -14.84 21.83
C GLU B 331 22.28 -14.44 21.09
N LEU B 332 22.44 -13.17 20.75
CA LEU B 332 23.63 -12.67 20.08
C LEU B 332 24.73 -12.22 21.03
N GLN B 333 25.96 -12.33 20.54
CA GLN B 333 27.10 -11.69 21.20
C GLN B 333 26.87 -10.19 21.23
N GLU B 334 27.20 -9.57 22.37
CA GLU B 334 27.05 -8.12 22.50
C GLU B 334 27.89 -7.37 21.48
N PRO B 335 27.31 -6.42 20.75
CA PRO B 335 28.06 -5.69 19.72
C PRO B 335 28.94 -4.62 20.34
N GLN B 336 30.11 -4.42 19.75
CA GLN B 336 30.92 -3.28 20.14
C GLN B 336 30.39 -1.97 19.55
N VAL B 337 30.08 -1.95 18.26
CA VAL B 337 29.53 -0.76 17.62
C VAL B 337 28.27 -1.15 16.84
N ILE B 338 27.23 -0.34 16.98
CA ILE B 338 26.02 -0.44 16.18
C ILE B 338 25.93 0.78 15.26
N LEU B 339 25.81 0.54 13.96
CA LEU B 339 25.48 1.60 13.00
C LEU B 339 24.04 1.42 12.52
N MET B 340 23.14 2.24 13.06
CA MET B 340 21.76 2.30 12.60
C MET B 340 21.62 3.24 11.41
N VAL B 341 21.03 2.75 10.32
CA VAL B 341 20.82 3.51 9.10
C VAL B 341 19.32 3.60 8.81
N GLU B 342 18.85 4.82 8.57
CA GLU B 342 17.42 5.05 8.31
C GLU B 342 17.01 4.54 6.94
N ASN B 343 17.70 4.98 5.89
CA ASN B 343 17.35 4.58 4.53
C ASN B 343 17.84 3.16 4.28
N LEU B 344 16.96 2.33 3.72
CA LEU B 344 17.30 0.93 3.49
C LEU B 344 18.37 0.76 2.43
N ASP B 345 18.32 1.57 1.36
CA ASP B 345 19.24 1.38 0.25
C ASP B 345 20.67 1.69 0.65
N SER B 346 20.86 2.76 1.43
CA SER B 346 22.14 3.04 2.05
C SER B 346 22.56 1.93 3.00
N PHE B 347 21.63 1.47 3.84
CA PHE B 347 21.92 0.36 4.76
C PHE B 347 22.45 -0.87 4.01
N LEU B 348 21.87 -1.18 2.85
CA LEU B 348 22.31 -2.37 2.12
C LEU B 348 23.59 -2.13 1.33
N ALA B 349 23.85 -0.91 0.88
CA ALA B 349 25.02 -0.70 0.04
C ALA B 349 26.33 -0.64 0.83
N LEU B 350 26.25 -0.33 2.12
CA LEU B 350 27.44 -0.28 2.95
C LEU B 350 28.16 -1.63 3.01
N PRO B 351 29.50 -1.64 3.00
CA PRO B 351 30.24 -2.85 3.38
C PRO B 351 30.05 -3.17 4.86
N THR B 352 30.48 -4.36 5.24
CA THR B 352 30.45 -4.79 6.63
C THR B 352 31.85 -4.73 7.24
N TRP B 353 31.91 -4.45 8.55
CA TRP B 353 33.17 -4.26 9.25
C TRP B 353 33.29 -5.16 10.47
N PRO B 354 34.50 -5.66 10.75
CA PRO B 354 34.74 -6.41 11.99
C PRO B 354 34.33 -5.66 13.25
N GLY B 355 33.60 -6.35 14.12
CA GLY B 355 33.15 -5.78 15.38
C GLY B 355 32.00 -4.81 15.26
N VAL B 356 31.51 -4.53 14.05
CA VAL B 356 30.45 -3.57 13.83
C VAL B 356 29.21 -4.33 13.38
N THR B 357 28.11 -4.11 14.08
CA THR B 357 26.80 -4.60 13.70
C THR B 357 26.05 -3.45 13.03
N ILE B 358 25.63 -3.64 11.79
CA ILE B 358 24.80 -2.65 11.10
C ILE B 358 23.34 -2.97 11.32
N ALA B 359 22.58 -1.96 11.77
CA ALA B 359 21.16 -2.10 12.05
C ALA B 359 20.34 -1.23 11.11
N TRP B 360 19.24 -1.76 10.59
CA TRP B 360 18.30 -0.96 9.81
C TRP B 360 17.32 -0.26 10.74
N GLY B 361 17.31 1.07 10.71
CA GLY B 361 16.43 1.82 11.59
C GLY B 361 14.97 1.85 11.17
N ALA B 362 14.70 1.69 9.88
CA ALA B 362 13.35 1.68 9.32
C ALA B 362 12.56 2.92 9.73
N GLY B 363 13.21 4.07 9.62
CA GLY B 363 12.54 5.32 9.96
C GLY B 363 12.22 5.44 11.44
N TYR B 364 11.01 5.92 11.70
CA TYR B 364 10.52 6.10 13.07
C TYR B 364 10.49 4.81 13.88
N ARG B 365 10.52 3.65 13.23
CA ARG B 365 10.59 2.39 13.95
C ARG B 365 11.85 2.26 14.79
N ALA B 366 12.87 3.05 14.47
CA ALA B 366 14.10 3.09 15.25
C ALA B 366 13.87 3.36 16.74
N VAL B 367 12.96 4.29 17.06
CA VAL B 367 12.70 4.65 18.45
C VAL B 367 12.20 3.46 19.26
N ASP B 368 11.32 2.64 18.68
CA ASP B 368 10.88 1.45 19.41
C ASP B 368 11.97 0.39 19.45
N ILE B 369 12.74 0.26 18.36
CA ILE B 369 13.77 -0.77 18.26
C ILE B 369 14.83 -0.58 19.34
N VAL B 370 15.30 0.65 19.54
CA VAL B 370 16.39 0.93 20.46
C VAL B 370 16.03 0.71 21.91
N ARG B 371 14.75 0.45 22.23
CA ARG B 371 14.38 0.08 23.58
C ARG B 371 14.99 -1.25 24.00
N GLY B 372 15.40 -2.09 23.05
CA GLY B 372 16.08 -3.32 23.34
C GLY B 372 17.45 -3.13 23.95
N PRO B 373 17.74 -3.86 25.02
CA PRO B 373 19.05 -3.73 25.69
C PRO B 373 20.24 -3.93 24.77
N TYR B 374 20.09 -4.72 23.70
CA TYR B 374 21.15 -4.91 22.71
C TYR B 374 21.76 -3.59 22.25
N PHE B 375 20.94 -2.55 22.13
CA PHE B 375 21.37 -1.28 21.56
C PHE B 375 22.10 -0.39 22.54
N SER B 376 21.98 -0.62 23.85
CA SER B 376 22.77 0.12 24.81
C SER B 376 24.10 -0.55 25.12
N ASN B 377 24.31 -1.80 24.72
CA ASN B 377 25.51 -2.53 25.09
C ASN B 377 26.73 -2.09 24.29
N GLY B 378 26.51 -1.40 23.17
CA GLY B 378 27.58 -0.87 22.35
C GLY B 378 27.47 0.64 22.19
N ARG B 379 28.46 1.18 21.46
CA ARG B 379 28.38 2.56 21.00
C ARG B 379 27.39 2.62 19.85
N LEU B 380 26.33 3.39 20.03
CA LEU B 380 25.28 3.52 19.03
C LEU B 380 25.54 4.74 18.15
N LEU B 381 25.81 4.48 16.88
CA LEU B 381 25.89 5.52 15.85
C LEU B 381 24.63 5.52 14.99
N TYR B 382 24.11 6.71 14.71
CA TYR B 382 22.91 6.87 13.89
C TYR B 382 23.19 7.73 12.67
N TRP B 383 22.74 7.27 11.50
CA TRP B 383 22.78 8.02 10.24
C TRP B 383 21.36 8.05 9.67
N GLY B 384 20.76 9.25 9.65
CA GLY B 384 19.45 9.44 9.07
C GLY B 384 19.42 10.40 7.89
N ASP B 385 18.21 10.61 7.39
CA ASP B 385 17.94 11.66 6.40
C ASP B 385 18.29 13.03 6.97
N LEU B 386 18.73 13.92 6.09
CA LEU B 386 18.92 15.33 6.44
C LEU B 386 17.60 16.07 6.18
N ASP B 387 16.66 15.87 7.08
CA ASP B 387 15.37 16.56 7.05
C ASP B 387 14.79 16.55 8.45
N LEU B 388 13.58 17.09 8.58
CA LEU B 388 12.90 17.14 9.87
C LEU B 388 12.74 15.74 10.46
N ASP B 389 12.35 14.78 9.62
CA ASP B 389 12.04 13.43 10.11
C ASP B 389 13.27 12.71 10.61
N GLY B 390 14.40 12.80 9.89
CA GLY B 390 15.63 12.19 10.35
C GLY B 390 16.11 12.70 11.69
N PHE B 391 16.04 14.02 11.89
CA PHE B 391 16.40 14.60 13.18
C PHE B 391 15.41 14.23 14.27
N LYS B 392 14.12 14.11 13.95
CA LYS B 392 13.16 13.69 14.95
C LYS B 392 13.40 12.24 15.37
N ILE B 393 13.77 11.39 14.41
CA ILE B 393 14.13 10.01 14.76
C ILE B 393 15.38 9.99 15.62
N LEU B 394 16.38 10.82 15.28
CA LEU B 394 17.59 10.90 16.10
C LEU B 394 17.27 11.32 17.52
N ASP B 395 16.42 12.34 17.67
CA ASP B 395 15.96 12.79 18.99
C ASP B 395 15.30 11.66 19.77
N GLY B 396 14.36 10.96 19.13
CA GLY B 396 13.72 9.84 19.79
C GLY B 396 14.67 8.72 20.17
N VAL B 397 15.65 8.44 19.31
CA VAL B 397 16.65 7.42 19.61
C VAL B 397 17.46 7.81 20.84
N ARG B 398 17.94 9.06 20.89
CA ARG B 398 18.69 9.48 22.08
C ARG B 398 17.82 9.55 23.33
N SER B 399 16.51 9.73 23.18
CA SER B 399 15.62 9.65 24.33
C SER B 399 15.69 8.31 25.05
N HIS B 400 16.15 7.25 24.38
CA HIS B 400 16.40 5.96 25.02
C HIS B 400 17.87 5.60 25.16
N VAL B 401 18.72 5.99 24.21
CA VAL B 401 20.14 5.68 24.30
C VAL B 401 20.93 6.99 24.20
N PRO B 402 21.06 7.74 25.30
CA PRO B 402 21.59 9.10 25.21
C PRO B 402 22.98 9.21 24.61
N HIS B 403 23.79 8.16 24.66
CA HIS B 403 25.13 8.24 24.07
C HIS B 403 25.12 7.99 22.56
N THR B 404 23.95 8.08 21.93
CA THR B 404 23.86 7.94 20.48
C THR B 404 24.59 9.09 19.81
N GLU B 405 25.49 8.75 18.89
CA GLU B 405 26.25 9.70 18.09
C GLU B 405 25.66 9.77 16.69
N SER B 406 25.44 10.99 16.20
CA SER B 406 25.00 11.15 14.82
C SER B 406 26.19 11.13 13.87
N VAL B 407 25.96 10.57 12.68
CA VAL B 407 26.95 10.52 11.61
C VAL B 407 26.34 11.14 10.36
N LEU B 408 27.10 12.04 9.73
CA LEU B 408 26.70 12.79 8.54
C LEU B 408 25.48 13.67 8.79
N MET B 409 25.10 13.85 10.05
CA MET B 409 24.01 14.76 10.39
C MET B 409 24.59 15.99 11.06
N ASN B 410 25.51 16.65 10.37
CA ASN B 410 26.19 17.84 10.87
C ASN B 410 26.21 18.91 9.78
N SER B 411 26.46 20.14 10.22
CA SER B 411 26.39 21.28 9.30
C SER B 411 27.42 21.18 8.18
N GLU B 412 28.53 20.49 8.42
CA GLU B 412 29.53 20.30 7.38
C GLU B 412 28.99 19.45 6.22
N THR B 413 28.36 18.31 6.54
CA THR B 413 27.77 17.46 5.51
C THR B 413 26.63 18.18 4.80
N VAL B 414 25.76 18.83 5.58
CA VAL B 414 24.67 19.62 5.02
C VAL B 414 25.22 20.63 4.04
N SER B 415 26.21 21.42 4.47
CA SER B 415 26.78 22.43 3.58
C SER B 415 27.31 21.81 2.29
N ARG B 416 27.91 20.62 2.37
CA ARG B 416 28.43 20.05 1.14
C ARG B 416 27.31 19.57 0.21
N TRP B 417 26.25 18.97 0.75
CA TRP B 417 25.30 18.25 -0.09
C TRP B 417 23.97 18.96 -0.31
N ARG B 418 23.77 20.14 0.29
CA ARG B 418 22.55 20.91 0.11
C ARG B 418 22.15 21.18 -1.34
N TYR B 419 23.12 21.17 -2.27
CA TYR B 419 22.77 21.35 -3.68
C TYR B 419 21.93 20.21 -4.25
N LEU B 420 21.86 19.06 -3.59
CA LEU B 420 20.92 18.01 -3.95
C LEU B 420 19.66 18.00 -3.09
N GLY B 421 19.52 18.91 -2.13
CA GLY B 421 18.33 18.94 -1.31
C GLY B 421 17.10 19.36 -2.09
N VAL B 422 15.95 18.85 -1.64
CA VAL B 422 14.64 19.29 -2.10
C VAL B 422 13.89 19.84 -0.90
N ALA B 423 12.87 20.65 -1.19
CA ALA B 423 12.01 21.16 -0.13
C ALA B 423 11.29 20.01 0.58
N ASP B 424 11.39 19.99 1.90
CA ASP B 424 10.58 19.09 2.72
C ASP B 424 9.17 19.67 2.78
N ARG B 425 8.20 18.96 2.20
CA ARG B 425 6.86 19.50 2.01
C ARG B 425 6.01 19.51 3.28
N GLU B 426 6.38 18.73 4.30
CA GLU B 426 5.55 18.55 5.48
C GLU B 426 6.18 19.21 6.69
N PHE B 427 7.17 20.06 6.48
CA PHE B 427 7.92 20.68 7.56
C PHE B 427 6.99 21.44 8.50
N LYS B 428 7.02 21.05 9.77
CA LYS B 428 6.36 21.77 10.85
C LYS B 428 7.40 21.98 11.94
N ALA B 429 7.66 23.23 12.29
CA ALA B 429 8.60 23.48 13.37
C ALA B 429 8.18 22.71 14.61
N GLU B 430 9.03 21.77 15.01
CA GLU B 430 8.89 20.98 16.22
C GLU B 430 10.17 21.13 17.01
N SER B 431 10.08 21.11 18.33
CA SER B 431 11.27 21.21 19.15
C SER B 431 11.71 19.84 19.63
N PHE B 432 13.01 19.59 19.57
CA PHE B 432 13.62 18.33 19.98
C PHE B 432 14.57 18.60 21.14
N ASP B 433 14.41 17.84 22.21
CA ASP B 433 15.16 18.09 23.44
C ASP B 433 16.51 17.39 23.49
N ASN B 434 16.71 16.33 22.69
CA ASN B 434 17.89 15.47 22.86
C ASN B 434 18.90 15.64 21.73
N LEU B 435 18.73 16.66 20.89
CA LEU B 435 19.75 17.01 19.91
C LEU B 435 20.89 17.79 20.57
N HIS B 436 22.11 17.53 20.11
CA HIS B 436 23.26 18.36 20.48
C HIS B 436 23.26 19.64 19.65
N ASP B 437 23.96 20.65 20.18
CA ASP B 437 24.00 21.95 19.53
C ASP B 437 24.34 21.86 18.04
N PHE B 438 25.28 20.98 17.66
CA PHE B 438 25.64 20.91 16.24
C PHE B 438 24.51 20.32 15.40
N GLU B 439 23.59 19.57 16.02
CA GLU B 439 22.45 19.05 15.28
C GLU B 439 21.33 20.08 15.22
N SER B 440 21.13 20.85 16.28
CA SER B 440 20.25 22.01 16.21
C SER B 440 20.71 22.96 15.12
N ASP B 441 22.03 23.20 15.04
CA ASP B 441 22.60 24.04 13.99
C ASP B 441 22.39 23.46 12.60
N ALA B 442 22.48 22.13 12.47
CA ALA B 442 22.28 21.52 11.15
C ALA B 442 20.81 21.56 10.73
N LEU B 443 19.89 21.23 11.64
CA LEU B 443 18.48 21.33 11.33
C LEU B 443 18.06 22.76 11.02
N ASP B 444 18.56 23.74 11.79
CA ASP B 444 18.30 25.14 11.50
C ASP B 444 18.85 25.54 10.12
N LEU B 445 20.00 24.98 9.74
CA LEU B 445 20.55 25.23 8.42
C LEU B 445 19.64 24.67 7.33
N LEU B 446 19.09 23.48 7.56
CA LEU B 446 18.12 22.93 6.61
C LEU B 446 16.87 23.80 6.54
N ILE B 447 16.44 24.33 7.68
CA ILE B 447 15.26 25.20 7.73
C ILE B 447 15.46 26.43 6.85
N THR B 448 16.59 27.13 7.03
CA THR B 448 16.75 28.43 6.40
C THR B 448 16.96 28.37 4.89
N ASP B 449 17.50 27.26 4.35
CA ASP B 449 17.59 27.14 2.90
C ASP B 449 16.28 26.71 2.24
N GLY B 450 15.16 26.80 2.94
CA GLY B 450 13.86 26.58 2.35
C GLY B 450 13.34 25.21 2.72
N GLU B 451 13.53 24.83 3.98
CA GLU B 451 13.04 23.57 4.52
C GLU B 451 13.57 22.39 3.71
N LEU B 452 14.89 22.35 3.54
CA LEU B 452 15.48 21.35 2.66
C LEU B 452 15.38 19.95 3.25
N ARG B 453 15.14 18.99 2.38
CA ARG B 453 15.33 17.58 2.63
C ARG B 453 16.50 17.10 1.77
N ILE B 454 17.54 16.59 2.40
CA ILE B 454 18.67 15.99 1.69
C ILE B 454 18.65 14.51 2.05
N GLU B 455 18.09 13.71 1.14
CA GLU B 455 18.02 12.28 1.36
C GLU B 455 19.40 11.62 1.34
N GLN B 456 19.54 10.60 2.18
CA GLN B 456 20.78 9.84 2.31
C GLN B 456 21.31 9.36 0.96
N GLU B 457 20.40 8.98 0.06
CA GLU B 457 20.78 8.47 -1.27
C GLU B 457 21.50 9.49 -2.13
N ARG B 458 21.43 10.78 -1.79
CA ARG B 458 22.14 11.79 -2.54
C ARG B 458 23.60 11.94 -2.12
N ILE B 459 23.96 11.45 -0.94
CA ILE B 459 25.36 11.42 -0.51
C ILE B 459 26.08 10.31 -1.25
N ARG B 460 27.21 10.65 -1.86
CA ARG B 460 28.07 9.66 -2.51
C ARG B 460 28.44 8.55 -1.53
N LEU B 461 28.16 7.30 -1.94
CA LEU B 461 28.33 6.17 -1.04
C LEU B 461 29.75 6.11 -0.48
N ASP B 462 30.75 6.39 -1.31
CA ASP B 462 32.14 6.37 -0.85
C ASP B 462 32.42 7.46 0.17
N VAL B 463 31.81 8.65 0.01
CA VAL B 463 31.97 9.71 1.00
C VAL B 463 31.33 9.31 2.32
N ALA B 464 30.12 8.73 2.26
CA ALA B 464 29.47 8.30 3.49
C ALA B 464 30.31 7.24 4.19
N VAL B 465 30.86 6.29 3.41
CA VAL B 465 31.76 5.28 3.97
C VAL B 465 32.95 5.93 4.65
N GLU B 466 33.56 6.94 4.00
CA GLU B 466 34.72 7.61 4.58
C GLU B 466 34.39 8.29 5.90
N GLU B 467 33.28 9.03 5.96
CA GLU B 467 32.90 9.69 7.21
C GLU B 467 32.54 8.68 8.30
N ILE B 468 31.83 7.61 7.93
CA ILE B 468 31.50 6.55 8.87
C ILE B 468 32.77 5.90 9.42
N GLU B 469 33.73 5.60 8.55
CA GLU B 469 35.00 5.01 8.99
C GLU B 469 35.78 5.96 9.90
N LYS B 470 35.79 7.26 9.60
CA LYS B 470 36.43 8.21 10.51
C LYS B 470 35.78 8.17 11.89
N VAL B 471 34.45 8.25 11.93
CA VAL B 471 33.77 8.30 13.22
C VAL B 471 33.96 7.01 14.00
N ILE B 472 33.84 5.86 13.33
CA ILE B 472 34.02 4.57 14.01
C ILE B 472 35.43 4.44 14.57
N ARG B 473 36.45 4.85 13.82
CA ARG B 473 37.81 4.63 14.31
C ARG B 473 38.13 5.51 15.52
N GLY B 474 37.41 6.59 15.72
CA GLY B 474 37.80 7.58 16.71
C GLY B 474 39.09 8.33 16.39
#